data_3C1A
#
_entry.id   3C1A
#
_cell.length_a   94.658
_cell.length_b   86.361
_cell.length_c   87.907
_cell.angle_alpha   90.000
_cell.angle_beta   90.000
_cell.angle_gamma   90.000
#
_symmetry.space_group_name_H-M   'P 21 21 2'
#
loop_
_entity.id
_entity.type
_entity.pdbx_description
1 polymer 'Putative oxidoreductase'
2 non-polymer 'TETRAETHYLENE GLYCOL'
3 non-polymer DI(HYDROXYETHYL)ETHER
4 non-polymer 'TRIETHYLENE GLYCOL'
5 water water
#
_entity_poly.entity_id   1
_entity_poly.type   'polypeptide(L)'
_entity_poly.pdbx_seq_one_letter_code
;G(MSE)SIPANNSPVRLALIGAGRWGKNYIRTIAGLPGAALVRLASSNPDNLALVPPGCVIESDWRSVVSAPEVEAVIIA
TPPATHAEITLAAIASGKAVLVEKPLTLDLAEAEAVAAAAKATGV(MSE)VWVEHTQLFNPAWEALKADLTSIGPILAVR
SEAGNHGPYRPGGVP(MSE)LWDWGAHDVS(MSE)VLDL(MSE)GRDPDSTSASWAARGEKDGGEAGDVTLTLAFSTVEA
HIRLCNT(MSE)DKCRRLAVFGEAGTLV(MSE)DDRATDKLTLHPPQPDGNWPVGQGHALTVTDE(MSE)PLTRAVRLFA
GAVRQPEPGPSPLELGLRVVRVLGACS
;
_entity_poly.pdbx_strand_id   A,B
#
loop_
_chem_comp.id
_chem_comp.type
_chem_comp.name
_chem_comp.formula
PEG non-polymer DI(HYDROXYETHYL)ETHER 'C4 H10 O3'
PG4 non-polymer 'TETRAETHYLENE GLYCOL' 'C8 H18 O5'
PGE non-polymer 'TRIETHYLENE GLYCOL' 'C6 H14 O4'
#
# COMPACT_ATOMS: atom_id res chain seq x y z
N SER A 9 26.01 17.85 -32.25
CA SER A 9 25.86 16.75 -33.27
C SER A 9 24.64 15.89 -32.91
N PRO A 10 23.56 15.97 -33.68
CA PRO A 10 22.37 15.18 -33.33
C PRO A 10 22.63 13.70 -33.34
N VAL A 11 21.96 12.98 -32.43
CA VAL A 11 22.10 11.54 -32.34
C VAL A 11 21.36 10.94 -33.53
N ARG A 12 22.02 10.04 -34.25
CA ARG A 12 21.49 9.54 -35.50
C ARG A 12 20.69 8.28 -35.26
N LEU A 13 19.37 8.43 -35.38
CA LEU A 13 18.42 7.37 -35.13
C LEU A 13 17.85 6.82 -36.39
N ALA A 14 17.51 5.53 -36.35
CA ALA A 14 16.78 4.93 -37.45
C ALA A 14 15.53 4.23 -36.89
N LEU A 15 14.50 4.14 -37.71
CA LEU A 15 13.23 3.56 -37.30
C LEU A 15 12.89 2.36 -38.18
N ILE A 16 12.60 1.23 -37.54
CA ILE A 16 12.17 0.09 -38.27
C ILE A 16 10.70 -0.05 -37.84
N GLY A 17 9.80 0.19 -38.78
CA GLY A 17 8.35 0.23 -38.50
C GLY A 17 7.57 -0.68 -39.39
N ALA A 18 6.53 -1.30 -38.86
CA ALA A 18 5.60 -2.07 -39.67
C ALA A 18 4.23 -2.01 -39.02
N GLY A 19 3.20 -1.89 -39.86
CA GLY A 19 1.81 -1.91 -39.40
C GLY A 19 1.38 -0.61 -38.75
N ARG A 20 0.62 -0.74 -37.66
CA ARG A 20 0.14 0.40 -36.87
C ARG A 20 1.15 0.80 -35.79
N TRP A 21 2.23 0.05 -35.70
CA TRP A 21 3.11 0.10 -34.53
C TRP A 21 4.03 1.32 -34.47
N GLY A 22 4.28 1.96 -35.62
N GLY A 22 4.24 1.99 -35.60
CA GLY A 22 5.19 3.13 -35.72
CA GLY A 22 5.09 3.19 -35.66
C GLY A 22 4.47 4.47 -35.71
C GLY A 22 4.60 4.36 -34.80
N LYS A 23 3.32 4.47 -35.04
N LYS A 23 3.63 4.11 -33.92
CA LYS A 23 2.26 5.49 -35.13
CA LYS A 23 3.10 5.18 -33.09
C LYS A 23 2.68 6.97 -35.17
C LYS A 23 3.40 6.49 -33.81
N ASN A 24 3.46 7.39 -34.18
N ASN A 24 3.45 7.58 -33.04
CA ASN A 24 3.84 8.79 -33.97
CA ASN A 24 3.86 8.86 -33.60
C ASN A 24 5.35 9.02 -33.74
C ASN A 24 5.38 9.03 -33.62
N TYR A 25 6.15 7.99 -33.94
CA TYR A 25 7.63 8.10 -33.81
C TYR A 25 8.24 9.13 -34.75
N ILE A 26 7.84 9.13 -36.02
CA ILE A 26 8.51 9.97 -36.98
C ILE A 26 8.33 11.42 -36.61
N ARG A 27 7.14 11.81 -36.17
CA ARG A 27 6.92 13.26 -35.82
C ARG A 27 7.61 13.62 -34.52
N THR A 28 7.66 12.68 -33.59
CA THR A 28 8.35 12.89 -32.32
C THR A 28 9.83 13.10 -32.56
N ILE A 29 10.46 12.24 -33.38
CA ILE A 29 11.88 12.41 -33.64
C ILE A 29 12.11 13.74 -34.37
N ALA A 30 11.22 14.08 -35.30
CA ALA A 30 11.37 15.34 -36.06
C ALA A 30 11.39 16.57 -35.18
N GLY A 31 10.66 16.54 -34.07
CA GLY A 31 10.57 17.67 -33.15
C GLY A 31 11.68 17.78 -32.11
N LEU A 32 12.53 16.75 -32.03
CA LEU A 32 13.63 16.72 -31.05
C LEU A 32 14.84 17.43 -31.64
N PRO A 33 15.31 18.48 -30.97
CA PRO A 33 16.52 19.12 -31.46
C PRO A 33 17.82 18.30 -31.37
N GLY A 34 17.88 17.30 -30.50
CA GLY A 34 19.11 16.54 -30.32
C GLY A 34 19.18 15.22 -31.05
N ALA A 35 18.20 14.93 -31.89
CA ALA A 35 18.16 13.69 -32.64
C ALA A 35 17.76 13.97 -34.09
N ALA A 36 18.10 13.02 -34.95
CA ALA A 36 17.80 13.05 -36.39
C ALA A 36 17.38 11.64 -36.85
N LEU A 37 16.34 11.55 -37.69
CA LEU A 37 15.98 10.28 -38.33
C LEU A 37 16.80 10.17 -39.61
N VAL A 38 17.82 9.32 -39.59
CA VAL A 38 18.73 9.17 -40.70
C VAL A 38 18.43 8.00 -41.67
N ARG A 39 17.75 6.95 -41.20
CA ARG A 39 17.18 5.94 -42.09
C ARG A 39 15.81 5.54 -41.57
N LEU A 40 14.98 5.07 -42.50
CA LEU A 40 13.64 4.56 -42.20
C LEU A 40 13.35 3.34 -43.03
N ALA A 41 13.08 2.23 -42.34
CA ALA A 41 12.55 1.02 -42.95
C ALA A 41 11.09 0.83 -42.55
N SER A 42 10.14 1.13 -43.43
CA SER A 42 8.72 1.03 -43.07
C SER A 42 7.85 0.46 -44.18
N SER A 43 6.96 -0.47 -43.82
CA SER A 43 5.98 -1.05 -44.77
C SER A 43 4.82 -0.08 -45.04
N ASN A 44 4.66 0.87 -44.14
CA ASN A 44 3.52 1.75 -44.15
C ASN A 44 3.80 3.00 -45.01
N PRO A 45 3.08 3.17 -46.14
CA PRO A 45 3.36 4.28 -47.07
C PRO A 45 2.96 5.66 -46.53
N ASP A 46 2.09 5.68 -45.52
CA ASP A 46 1.79 6.94 -44.80
C ASP A 46 3.04 7.40 -44.00
N ASN A 47 3.72 6.43 -43.37
CA ASN A 47 5.02 6.67 -42.71
C ASN A 47 6.10 7.15 -43.68
N LEU A 48 6.27 6.44 -44.78
CA LEU A 48 7.27 6.81 -45.80
C LEU A 48 7.08 8.25 -46.34
N ALA A 49 5.85 8.74 -46.33
CA ALA A 49 5.55 10.12 -46.70
C ALA A 49 6.11 11.19 -45.73
N LEU A 50 6.52 10.78 -44.53
CA LEU A 50 6.94 11.74 -43.50
C LEU A 50 8.46 12.01 -43.33
N VAL A 51 9.32 11.23 -43.97
CA VAL A 51 10.77 11.33 -43.72
C VAL A 51 11.37 12.71 -43.98
N PRO A 52 12.33 13.13 -43.12
CA PRO A 52 13.07 14.33 -43.49
C PRO A 52 13.96 14.10 -44.71
N PRO A 53 14.34 15.18 -45.40
CA PRO A 53 15.20 15.06 -46.57
C PRO A 53 16.60 14.71 -46.11
N GLY A 54 17.12 13.61 -46.64
CA GLY A 54 18.39 13.09 -46.16
C GLY A 54 18.21 11.75 -45.49
N CYS A 55 17.01 11.50 -44.96
CA CYS A 55 16.69 10.18 -44.43
C CYS A 55 16.64 9.15 -45.57
N VAL A 56 17.41 8.07 -45.43
CA VAL A 56 17.44 6.99 -46.40
C VAL A 56 16.26 6.03 -46.22
N ILE A 57 15.52 5.78 -47.31
CA ILE A 57 14.42 4.82 -47.30
C ILE A 57 14.90 3.40 -47.62
N GLU A 58 14.62 2.49 -46.71
CA GLU A 58 14.99 1.10 -46.86
C GLU A 58 13.77 0.21 -46.93
N SER A 59 13.81 -0.75 -47.83
CA SER A 59 12.82 -1.78 -47.85
C SER A 59 13.24 -2.89 -46.89
N ASP A 60 14.55 -3.11 -46.76
CA ASP A 60 15.10 -4.19 -45.92
C ASP A 60 15.60 -3.67 -44.58
N TRP A 61 15.03 -4.15 -43.47
CA TRP A 61 15.43 -3.70 -42.14
C TRP A 61 16.91 -3.94 -41.89
N ARG A 62 17.47 -5.00 -42.48
CA ARG A 62 18.88 -5.32 -42.33
C ARG A 62 19.81 -4.16 -42.72
N SER A 63 19.41 -3.38 -43.72
CA SER A 63 20.20 -2.22 -44.13
C SER A 63 20.23 -1.12 -43.09
N VAL A 64 19.22 -1.07 -42.24
CA VAL A 64 19.23 -0.10 -41.15
C VAL A 64 20.28 -0.47 -40.12
N VAL A 65 20.35 -1.75 -39.74
CA VAL A 65 21.32 -2.19 -38.72
C VAL A 65 22.76 -2.33 -39.25
N SER A 66 22.93 -2.43 -40.56
CA SER A 66 24.28 -2.45 -41.14
C SER A 66 24.81 -1.07 -41.46
N ALA A 67 24.03 -0.03 -41.15
CA ALA A 67 24.32 1.33 -41.55
C ALA A 67 25.39 1.89 -40.65
N PRO A 68 26.50 2.43 -41.22
CA PRO A 68 27.59 2.87 -40.33
C PRO A 68 27.30 4.10 -39.49
N GLU A 69 26.46 4.98 -40.03
CA GLU A 69 26.10 6.25 -39.39
C GLU A 69 24.94 6.14 -38.38
N VAL A 70 24.23 5.04 -38.35
CA VAL A 70 23.11 4.90 -37.42
C VAL A 70 23.68 4.63 -36.05
N GLU A 71 23.31 5.43 -35.07
CA GLU A 71 23.78 5.23 -33.69
C GLU A 71 22.86 4.32 -32.86
N ALA A 72 21.56 4.32 -33.18
CA ALA A 72 20.53 3.68 -32.39
C ALA A 72 19.32 3.38 -33.25
N VAL A 73 18.60 2.31 -32.91
N VAL A 73 18.59 2.32 -32.92
CA VAL A 73 17.45 1.82 -33.69
CA VAL A 73 17.42 1.93 -33.71
C VAL A 73 16.18 1.81 -32.81
C VAL A 73 16.19 1.85 -32.82
N ILE A 74 15.09 2.41 -33.32
CA ILE A 74 13.79 2.26 -32.72
C ILE A 74 13.02 1.13 -33.46
N ILE A 75 12.63 0.10 -32.72
CA ILE A 75 11.96 -1.04 -33.30
C ILE A 75 10.44 -0.93 -32.94
N ALA A 76 9.65 -0.51 -33.92
CA ALA A 76 8.21 -0.36 -33.80
C ALA A 76 7.49 -1.29 -34.80
N THR A 77 7.75 -2.60 -34.68
CA THR A 77 7.20 -3.63 -35.54
C THR A 77 6.20 -4.50 -34.72
N PRO A 78 5.45 -5.42 -35.36
CA PRO A 78 4.60 -6.28 -34.55
C PRO A 78 5.48 -7.03 -33.55
N PRO A 79 4.97 -7.31 -32.34
CA PRO A 79 5.85 -7.83 -31.28
C PRO A 79 6.46 -9.18 -31.55
N ALA A 80 5.79 -10.05 -32.31
CA ALA A 80 6.36 -11.34 -32.70
C ALA A 80 7.69 -11.17 -33.49
N THR A 81 7.93 -9.99 -34.06
CA THR A 81 9.19 -9.76 -34.79
C THR A 81 10.27 -9.01 -33.98
N HIS A 82 9.94 -8.62 -32.74
CA HIS A 82 10.88 -7.84 -31.92
C HIS A 82 12.20 -8.55 -31.66
N ALA A 83 12.17 -9.82 -31.26
CA ALA A 83 13.37 -10.51 -30.84
C ALA A 83 14.39 -10.60 -32.01
N GLU A 84 13.92 -10.91 -33.23
CA GLU A 84 14.87 -11.06 -34.36
C GLU A 84 15.58 -9.74 -34.69
N ILE A 85 14.81 -8.68 -34.71
CA ILE A 85 15.37 -7.36 -35.10
C ILE A 85 16.26 -6.83 -33.98
N THR A 86 15.82 -7.00 -32.74
CA THR A 86 16.60 -6.57 -31.57
C THR A 86 17.94 -7.29 -31.46
N LEU A 87 17.93 -8.61 -31.58
CA LEU A 87 19.16 -9.37 -31.61
C LEU A 87 20.12 -8.92 -32.71
N ALA A 88 19.60 -8.57 -33.89
CA ALA A 88 20.42 -8.07 -35.01
C ALA A 88 21.01 -6.72 -34.71
N ALA A 89 20.18 -5.85 -34.13
CA ALA A 89 20.66 -4.53 -33.72
C ALA A 89 21.76 -4.60 -32.66
N ILE A 90 21.56 -5.43 -31.64
CA ILE A 90 22.54 -5.65 -30.57
C ILE A 90 23.86 -6.17 -31.14
N ALA A 91 23.76 -7.21 -31.98
CA ALA A 91 24.90 -7.81 -32.66
C ALA A 91 25.71 -6.76 -33.44
N SER A 92 25.02 -5.75 -33.96
CA SER A 92 25.64 -4.63 -34.66
C SER A 92 26.15 -3.49 -33.78
N GLY A 93 25.98 -3.58 -32.46
CA GLY A 93 26.41 -2.52 -31.59
C GLY A 93 25.51 -1.29 -31.53
N LYS A 94 24.28 -1.37 -32.01
CA LYS A 94 23.38 -0.20 -31.98
C LYS A 94 22.41 -0.30 -30.83
N ALA A 95 22.33 0.77 -30.05
CA ALA A 95 21.32 0.89 -29.01
C ALA A 95 19.90 0.75 -29.54
N VAL A 96 19.02 0.15 -28.71
CA VAL A 96 17.66 -0.22 -29.14
C VAL A 96 16.62 0.35 -28.21
N LEU A 97 15.60 0.99 -28.78
CA LEU A 97 14.34 1.30 -28.10
C LEU A 97 13.26 0.52 -28.77
N VAL A 98 12.75 -0.53 -28.10
CA VAL A 98 11.76 -1.39 -28.70
C VAL A 98 10.40 -1.22 -28.07
N GLU A 99 9.37 -1.23 -28.91
CA GLU A 99 8.04 -0.89 -28.42
C GLU A 99 7.60 -2.06 -27.55
N LYS A 100 6.72 -1.81 -26.58
CA LYS A 100 6.09 -2.88 -25.77
C LYS A 100 5.02 -3.62 -26.56
N PRO A 101 4.74 -4.90 -26.20
CA PRO A 101 5.49 -5.70 -25.25
C PRO A 101 6.84 -6.12 -25.83
N LEU A 102 7.84 -6.28 -24.98
CA LEU A 102 9.17 -6.65 -25.42
C LEU A 102 9.09 -7.77 -26.47
N THR A 103 8.43 -8.85 -26.09
CA THR A 103 8.14 -9.95 -26.97
C THR A 103 6.78 -10.50 -26.55
N LEU A 104 6.35 -11.55 -27.24
CA LEU A 104 5.16 -12.28 -26.82
C LEU A 104 5.61 -13.66 -26.33
N ASP A 105 6.89 -13.80 -25.98
CA ASP A 105 7.47 -15.11 -25.71
C ASP A 105 8.61 -14.95 -24.72
N LEU A 106 8.58 -15.70 -23.61
CA LEU A 106 9.61 -15.55 -22.56
C LEU A 106 11.02 -15.88 -23.06
N ALA A 107 11.17 -17.04 -23.70
CA ALA A 107 12.46 -17.49 -24.21
C ALA A 107 13.12 -16.46 -25.13
N GLU A 108 12.33 -15.77 -25.95
CA GLU A 108 12.86 -14.71 -26.85
C GLU A 108 13.33 -13.51 -26.03
N ALA A 109 12.53 -13.18 -25.02
CA ALA A 109 12.85 -12.13 -24.06
C ALA A 109 14.18 -12.46 -23.43
N GLU A 110 14.32 -13.69 -22.95
CA GLU A 110 15.57 -14.10 -22.30
C GLU A 110 16.76 -14.08 -23.27
N ALA A 111 16.53 -14.36 -24.55
CA ALA A 111 17.61 -14.36 -25.57
C ALA A 111 18.14 -12.96 -25.81
N VAL A 112 17.20 -12.03 -25.88
CA VAL A 112 17.50 -10.61 -25.89
C VAL A 112 18.28 -10.10 -24.64
N ALA A 113 17.75 -10.32 -23.43
CA ALA A 113 18.49 -10.07 -22.17
C ALA A 113 19.95 -10.55 -22.22
N ALA A 114 20.16 -11.79 -22.65
CA ALA A 114 21.48 -12.41 -22.73
C ALA A 114 22.42 -11.70 -23.71
N ALA A 115 21.90 -11.29 -24.88
CA ALA A 115 22.70 -10.60 -25.88
C ALA A 115 23.12 -9.17 -25.43
N ALA A 116 22.18 -8.45 -24.82
CA ALA A 116 22.43 -7.17 -24.19
C ALA A 116 23.54 -7.29 -23.11
N LYS A 117 23.43 -8.29 -22.26
CA LYS A 117 24.46 -8.59 -21.25
C LYS A 117 25.84 -8.88 -21.90
N ALA A 118 25.84 -9.81 -22.87
CA ALA A 118 27.10 -10.26 -23.50
C ALA A 118 27.79 -9.13 -24.26
N THR A 119 27.01 -8.23 -24.84
CA THR A 119 27.54 -7.16 -25.69
C THR A 119 27.62 -5.81 -24.98
N GLY A 120 26.97 -5.64 -23.84
CA GLY A 120 26.81 -4.32 -23.19
C GLY A 120 25.94 -3.28 -23.88
N VAL A 121 25.20 -3.64 -24.91
CA VAL A 121 24.39 -2.69 -25.69
C VAL A 121 23.16 -2.20 -24.88
N MSE A 122 22.89 -0.91 -24.94
CA MSE A 122 21.77 -0.33 -24.21
C MSE A 122 20.44 -0.70 -24.92
O MSE A 122 20.30 -0.48 -26.11
CB MSE A 122 21.96 1.17 -24.10
CG MSE A 122 21.01 1.78 -23.19
SE MSE A 122 21.20 3.70 -23.36
CE MSE A 122 20.14 4.13 -24.86
N VAL A 123 19.49 -1.34 -24.19
CA VAL A 123 18.17 -1.68 -24.71
C VAL A 123 17.12 -1.17 -23.74
N TRP A 124 16.26 -0.25 -24.23
CA TRP A 124 15.17 0.26 -23.45
C TRP A 124 13.90 -0.30 -24.06
N VAL A 125 12.90 -0.56 -23.22
CA VAL A 125 11.59 -0.90 -23.73
C VAL A 125 10.63 0.32 -23.55
N GLU A 126 9.88 0.61 -24.61
CA GLU A 126 8.98 1.78 -24.64
C GLU A 126 7.65 1.50 -23.93
N HIS A 127 7.68 1.60 -22.62
CA HIS A 127 6.50 1.45 -21.76
C HIS A 127 6.12 2.89 -21.45
N THR A 128 5.17 3.39 -22.18
CA THR A 128 4.97 4.82 -22.24
C THR A 128 4.70 5.46 -20.86
N GLN A 129 4.03 4.74 -19.98
CA GLN A 129 3.66 5.34 -18.68
C GLN A 129 4.90 5.67 -17.87
N LEU A 130 5.94 4.87 -18.05
CA LEU A 130 7.14 5.07 -17.27
C LEU A 130 7.93 6.30 -17.70
N PHE A 131 7.50 6.96 -18.79
CA PHE A 131 8.07 8.21 -19.28
C PHE A 131 7.05 9.35 -19.18
N ASN A 132 5.96 9.13 -18.45
CA ASN A 132 4.91 10.13 -18.30
C ASN A 132 5.22 11.00 -17.10
N PRO A 133 5.31 12.35 -17.28
CA PRO A 133 5.52 13.17 -16.07
C PRO A 133 4.50 13.01 -14.92
N ALA A 134 3.27 12.62 -15.22
CA ALA A 134 2.28 12.39 -14.19
C ALA A 134 2.65 11.17 -13.30
N TRP A 135 3.23 10.12 -13.91
CA TRP A 135 3.62 8.89 -13.19
C TRP A 135 4.83 9.19 -12.32
N GLU A 136 5.76 9.93 -12.88
N GLU A 136 5.80 9.90 -12.87
CA GLU A 136 6.91 10.42 -12.14
CA GLU A 136 6.92 10.37 -12.06
C GLU A 136 6.49 11.28 -10.94
C GLU A 136 6.46 11.26 -10.89
N ALA A 137 5.51 12.15 -11.15
CA ALA A 137 4.92 12.99 -10.07
C ALA A 137 4.18 12.16 -9.00
N LEU A 138 3.45 11.11 -9.42
CA LEU A 138 2.80 10.20 -8.49
C LEU A 138 3.82 9.47 -7.64
N LYS A 139 4.86 8.91 -8.27
CA LYS A 139 5.90 8.27 -7.49
C LYS A 139 6.60 9.22 -6.54
N ALA A 140 6.82 10.48 -6.95
CA ALA A 140 7.45 11.47 -6.07
C ALA A 140 6.62 11.80 -4.81
N ASP A 141 5.30 11.60 -4.90
CA ASP A 141 4.36 11.90 -3.81
C ASP A 141 3.86 10.68 -3.02
N LEU A 142 4.54 9.56 -3.15
CA LEU A 142 4.08 8.32 -2.51
C LEU A 142 4.14 8.36 -0.99
N THR A 143 5.10 9.07 -0.40
CA THR A 143 5.17 9.18 1.08
C THR A 143 3.90 9.78 1.65
N SER A 144 3.31 10.73 0.94
N SER A 144 3.28 10.71 0.92
CA SER A 144 2.08 11.39 1.37
CA SER A 144 2.08 11.40 1.41
C SER A 144 0.97 10.40 1.72
C SER A 144 0.85 10.50 1.56
N ILE A 145 0.84 9.33 0.94
CA ILE A 145 -0.26 8.38 1.13
C ILE A 145 0.11 7.22 2.06
N GLY A 146 1.37 7.13 2.47
CA GLY A 146 1.78 6.08 3.38
C GLY A 146 1.84 4.70 2.77
N PRO A 147 2.07 3.71 3.59
CA PRO A 147 2.17 2.37 3.04
C PRO A 147 1.00 1.97 2.10
N ILE A 148 1.36 1.40 0.96
CA ILE A 148 0.38 0.98 -0.08
C ILE A 148 -0.43 -0.21 0.41
N LEU A 149 -1.74 -0.11 0.25
CA LEU A 149 -2.69 -1.20 0.60
C LEU A 149 -3.23 -1.93 -0.62
N ALA A 150 -3.41 -1.19 -1.70
CA ALA A 150 -4.00 -1.68 -2.92
C ALA A 150 -3.65 -0.80 -4.09
N VAL A 151 -3.71 -1.41 -5.26
CA VAL A 151 -3.51 -0.74 -6.53
C VAL A 151 -4.58 -1.23 -7.51
N ARG A 152 -5.17 -0.29 -8.24
CA ARG A 152 -6.02 -0.70 -9.32
C ARG A 152 -5.90 0.17 -10.55
N SER A 153 -6.10 -0.44 -11.71
N SER A 153 -6.16 -0.45 -11.70
CA SER A 153 -6.12 0.30 -12.97
CA SER A 153 -6.10 0.26 -12.97
C SER A 153 -7.22 -0.20 -13.89
C SER A 153 -7.20 -0.22 -13.91
N GLU A 154 -7.59 0.67 -14.83
CA GLU A 154 -8.58 0.39 -15.85
C GLU A 154 -8.19 1.08 -17.17
N ALA A 155 -8.20 0.26 -18.23
CA ALA A 155 -7.94 0.70 -19.61
C ALA A 155 -9.11 0.22 -20.46
N GLY A 156 -9.76 1.14 -21.15
CA GLY A 156 -10.92 0.76 -21.94
C GLY A 156 -10.95 1.43 -23.28
N ASN A 157 -11.65 0.80 -24.22
CA ASN A 157 -11.96 1.40 -25.51
C ASN A 157 -12.93 0.53 -26.26
N HIS A 158 -13.46 1.03 -27.37
CA HIS A 158 -14.22 0.16 -28.28
C HIS A 158 -13.34 -0.47 -29.34
N GLY A 159 -12.89 -1.69 -29.08
CA GLY A 159 -11.94 -2.38 -29.92
C GLY A 159 -10.60 -1.66 -29.95
N PRO A 160 -9.90 -1.73 -31.10
CA PRO A 160 -10.36 -2.30 -32.36
C PRO A 160 -10.43 -3.81 -32.29
N TYR A 161 -11.24 -4.38 -33.16
CA TYR A 161 -11.47 -5.79 -33.18
C TYR A 161 -10.81 -6.28 -34.46
N ARG A 162 -9.85 -7.20 -34.32
CA ARG A 162 -8.91 -7.58 -35.37
C ARG A 162 -8.69 -9.08 -35.29
N PRO A 163 -9.11 -9.82 -36.32
CA PRO A 163 -8.82 -11.24 -36.35
C PRO A 163 -7.33 -11.56 -36.24
N GLY A 164 -6.94 -12.38 -35.28
CA GLY A 164 -5.53 -12.78 -35.14
C GLY A 164 -4.65 -11.65 -34.63
N GLY A 165 -5.28 -10.56 -34.19
CA GLY A 165 -4.58 -9.43 -33.61
C GLY A 165 -3.84 -9.83 -32.35
N VAL A 166 -2.83 -9.03 -32.00
CA VAL A 166 -2.11 -9.18 -30.72
C VAL A 166 -3.14 -9.16 -29.59
N PRO A 167 -3.18 -10.21 -28.76
CA PRO A 167 -4.18 -10.26 -27.70
C PRO A 167 -4.11 -9.08 -26.78
N MSE A 168 -5.28 -8.51 -26.48
CA MSE A 168 -5.46 -7.39 -25.53
C MSE A 168 -4.61 -7.58 -24.25
O MSE A 168 -3.99 -6.66 -23.79
CB MSE A 168 -6.95 -7.26 -25.17
CG MSE A 168 -7.23 -6.28 -24.10
SE MSE A 168 -9.10 -6.04 -23.81
CE MSE A 168 -9.46 -7.87 -23.06
N LEU A 169 -4.58 -8.80 -23.69
CA LEU A 169 -3.84 -9.06 -22.44
C LEU A 169 -2.39 -8.59 -22.61
N TRP A 170 -1.80 -8.93 -23.75
CA TRP A 170 -0.39 -8.61 -24.00
C TRP A 170 -0.24 -7.17 -24.36
N ASP A 171 -0.99 -6.75 -25.35
CA ASP A 171 -0.88 -5.41 -25.91
C ASP A 171 -1.22 -4.34 -24.88
N TRP A 172 -2.45 -4.34 -24.36
CA TRP A 172 -2.81 -3.38 -23.31
C TRP A 172 -2.20 -3.75 -21.98
N GLY A 173 -2.12 -5.04 -21.67
CA GLY A 173 -1.61 -5.47 -20.36
C GLY A 173 -0.17 -5.09 -20.08
N ALA A 174 0.71 -5.15 -21.09
CA ALA A 174 2.10 -4.78 -20.91
C ALA A 174 2.17 -3.31 -20.45
N HIS A 175 1.24 -2.51 -20.89
CA HIS A 175 1.26 -1.08 -20.52
C HIS A 175 1.03 -0.92 -18.97
N ASP A 176 0.06 -1.66 -18.44
CA ASP A 176 -0.27 -1.58 -17.01
C ASP A 176 0.58 -2.51 -16.14
N VAL A 177 1.02 -3.65 -16.64
CA VAL A 177 1.90 -4.48 -15.84
C VAL A 177 3.25 -3.76 -15.55
N SER A 178 3.77 -3.03 -16.55
CA SER A 178 5.00 -2.23 -16.38
C SER A 178 4.87 -1.23 -15.24
N MSE A 179 3.69 -0.61 -15.14
N MSE A 179 3.69 -0.59 -15.17
CA MSE A 179 3.41 0.40 -14.14
CA MSE A 179 3.39 0.40 -14.12
C MSE A 179 3.38 -0.24 -12.74
C MSE A 179 3.40 -0.25 -12.74
O MSE A 179 4.05 0.24 -11.81
O MSE A 179 4.09 0.21 -11.81
CB MSE A 179 2.10 1.10 -14.49
CB MSE A 179 2.01 1.06 -14.38
CG MSE A 179 1.66 2.15 -13.51
CG MSE A 179 2.03 2.15 -15.43
SE MSE A 179 0.60 1.44 -12.04
SE MSE A 179 0.22 2.76 -16.02
CE MSE A 179 -0.98 1.03 -12.99
CE MSE A 179 -0.04 1.70 -17.55
N VAL A 180 2.69 -1.37 -12.60
CA VAL A 180 2.61 -2.08 -11.32
C VAL A 180 3.98 -2.58 -10.82
N LEU A 181 4.73 -3.27 -11.67
CA LEU A 181 6.10 -3.68 -11.34
C LEU A 181 7.04 -2.50 -11.04
N ASP A 182 6.91 -1.40 -11.77
CA ASP A 182 7.69 -0.19 -11.48
C ASP A 182 7.37 0.41 -10.11
N LEU A 183 6.09 0.51 -9.80
CA LEU A 183 5.62 0.91 -8.46
C LEU A 183 6.09 0.01 -7.34
N MSE A 184 5.94 -1.30 -7.49
CA MSE A 184 6.14 -2.23 -6.36
C MSE A 184 7.60 -2.59 -6.14
O MSE A 184 7.94 -3.01 -5.07
CB MSE A 184 5.33 -3.51 -6.52
CG MSE A 184 3.83 -3.34 -6.56
SE MSE A 184 3.07 -2.34 -5.06
CE MSE A 184 2.87 -3.85 -3.81
N GLY A 185 8.45 -2.47 -7.16
CA GLY A 185 9.88 -2.73 -7.02
C GLY A 185 10.28 -4.18 -6.94
N ARG A 186 9.36 -5.07 -7.29
CA ARG A 186 9.57 -6.49 -7.15
C ARG A 186 8.57 -7.20 -8.02
N ASP A 187 8.72 -8.52 -8.10
CA ASP A 187 7.80 -9.33 -8.86
C ASP A 187 6.67 -9.88 -7.98
N PRO A 188 5.52 -10.18 -8.58
CA PRO A 188 4.43 -10.72 -7.78
C PRO A 188 4.66 -12.15 -7.25
N ASP A 189 4.08 -12.42 -6.08
CA ASP A 189 4.03 -13.77 -5.50
C ASP A 189 3.09 -14.62 -6.29
N SER A 190 2.01 -14.00 -6.78
CA SER A 190 1.09 -14.69 -7.68
C SER A 190 0.46 -13.77 -8.71
N THR A 191 0.07 -14.39 -9.82
CA THR A 191 -0.52 -13.73 -10.98
C THR A 191 -1.62 -14.64 -11.52
N SER A 192 -2.80 -14.09 -11.71
CA SER A 192 -3.91 -14.78 -12.34
C SER A 192 -4.79 -13.81 -13.12
N ALA A 193 -5.53 -14.33 -14.07
CA ALA A 193 -6.40 -13.53 -14.92
C ALA A 193 -7.80 -14.10 -14.86
N SER A 194 -8.77 -13.21 -14.77
CA SER A 194 -10.17 -13.58 -14.66
C SER A 194 -10.98 -12.81 -15.69
N TRP A 195 -11.59 -13.59 -16.58
CA TRP A 195 -12.42 -13.05 -17.65
C TRP A 195 -13.86 -12.99 -17.19
N ALA A 196 -14.38 -11.79 -17.10
CA ALA A 196 -15.79 -11.56 -16.82
C ALA A 196 -16.68 -11.91 -18.00
N ALA A 197 -16.20 -11.57 -19.20
CA ALA A 197 -16.93 -11.71 -20.48
C ALA A 197 -15.89 -11.82 -21.58
N ARG A 198 -16.09 -12.79 -22.47
CA ARG A 198 -15.16 -13.09 -23.55
C ARG A 198 -15.95 -13.61 -24.76
N GLY A 199 -15.78 -12.99 -25.90
CA GLY A 199 -16.51 -13.41 -27.10
C GLY A 199 -15.72 -12.92 -28.30
N GLU A 200 -16.38 -12.87 -29.45
CA GLU A 200 -15.78 -12.44 -30.72
C GLU A 200 -16.62 -11.29 -31.22
N LYS A 201 -15.99 -10.25 -31.75
CA LYS A 201 -16.72 -9.23 -32.50
C LYS A 201 -15.95 -8.92 -33.79
N ASP A 202 -16.62 -9.04 -34.94
CA ASP A 202 -15.98 -8.79 -36.24
C ASP A 202 -14.75 -9.69 -36.43
N GLY A 203 -14.87 -10.93 -35.95
CA GLY A 203 -13.79 -11.91 -36.02
C GLY A 203 -12.62 -11.69 -35.06
N GLY A 204 -12.66 -10.62 -34.27
CA GLY A 204 -11.66 -10.33 -33.22
C GLY A 204 -12.18 -10.51 -31.80
N GLU A 205 -11.27 -10.80 -30.86
CA GLU A 205 -11.59 -10.97 -29.43
C GLU A 205 -12.23 -9.70 -28.87
N ALA A 206 -13.34 -9.89 -28.16
CA ALA A 206 -14.10 -8.81 -27.55
C ALA A 206 -14.33 -9.27 -26.11
N GLY A 207 -13.87 -8.49 -25.14
CA GLY A 207 -14.01 -8.89 -23.76
C GLY A 207 -13.50 -7.96 -22.68
N ASP A 208 -13.51 -8.53 -21.48
CA ASP A 208 -13.35 -7.85 -20.20
C ASP A 208 -12.57 -8.78 -19.29
N VAL A 209 -11.31 -8.43 -18.97
CA VAL A 209 -10.47 -9.27 -18.13
C VAL A 209 -9.89 -8.43 -17.01
N THR A 210 -9.77 -9.04 -15.84
CA THR A 210 -9.03 -8.46 -14.75
C THR A 210 -7.83 -9.34 -14.38
N LEU A 211 -6.63 -8.74 -14.40
CA LEU A 211 -5.41 -9.37 -13.91
C LEU A 211 -5.19 -9.05 -12.45
N THR A 212 -4.97 -10.08 -11.64
CA THR A 212 -4.61 -9.88 -10.22
C THR A 212 -3.18 -10.33 -9.99
N LEU A 213 -2.39 -9.40 -9.46
CA LEU A 213 -0.98 -9.59 -9.13
C LEU A 213 -0.83 -9.36 -7.65
N ALA A 214 -0.38 -10.39 -6.90
CA ALA A 214 -0.25 -10.28 -5.45
C ALA A 214 1.20 -10.03 -5.01
N PHE A 215 1.34 -9.07 -4.11
CA PHE A 215 2.63 -8.68 -3.57
C PHE A 215 2.51 -8.74 -2.06
N SER A 216 2.80 -9.92 -1.54
CA SER A 216 2.50 -10.31 -0.18
C SER A 216 1.04 -9.98 0.14
N THR A 217 0.80 -8.98 0.98
CA THR A 217 -0.57 -8.65 1.39
C THR A 217 -1.26 -7.57 0.52
N VAL A 218 -0.62 -7.17 -0.58
CA VAL A 218 -1.10 -6.05 -1.38
C VAL A 218 -1.45 -6.64 -2.75
N GLU A 219 -2.65 -6.38 -3.24
CA GLU A 219 -3.03 -6.81 -4.59
C GLU A 219 -3.16 -5.64 -5.53
N ALA A 220 -2.75 -5.88 -6.78
CA ALA A 220 -2.93 -4.97 -7.90
C ALA A 220 -3.94 -5.63 -8.80
N HIS A 221 -5.02 -4.95 -9.11
CA HIS A 221 -6.05 -5.43 -10.04
C HIS A 221 -6.04 -4.54 -11.29
N ILE A 222 -5.79 -5.18 -12.41
CA ILE A 222 -5.66 -4.49 -13.68
C ILE A 222 -6.79 -4.89 -14.59
N ARG A 223 -7.70 -3.97 -14.85
CA ARG A 223 -8.83 -4.25 -15.73
C ARG A 223 -8.59 -3.75 -17.17
N LEU A 224 -8.77 -4.68 -18.12
CA LEU A 224 -8.68 -4.45 -19.58
C LEU A 224 -10.01 -4.91 -20.21
N CYS A 225 -10.68 -3.98 -20.86
CA CYS A 225 -11.96 -4.19 -21.53
C CYS A 225 -12.08 -3.38 -22.84
N ASN A 226 -12.25 -4.10 -23.96
CA ASN A 226 -12.30 -3.48 -25.29
C ASN A 226 -13.73 -3.32 -25.83
N THR A 227 -14.70 -3.30 -24.91
CA THR A 227 -16.10 -3.11 -25.29
C THR A 227 -16.74 -1.93 -24.55
N MSE A 228 -15.96 -0.95 -24.12
CA MSE A 228 -16.48 0.18 -23.34
C MSE A 228 -15.89 1.50 -23.81
O MSE A 228 -14.93 1.52 -24.58
CB MSE A 228 -16.20 0.02 -21.82
CG MSE A 228 -14.75 -0.01 -21.50
SE MSE A 228 -14.25 -0.20 -19.66
CE MSE A 228 -13.98 1.64 -19.22
N ASP A 229 -16.46 2.61 -23.38
CA ASP A 229 -15.89 3.91 -23.77
C ASP A 229 -14.42 4.07 -23.39
N LYS A 230 -13.72 4.89 -24.18
CA LYS A 230 -12.30 5.16 -24.00
C LYS A 230 -11.96 5.73 -22.60
N CYS A 231 -11.04 5.05 -21.92
CA CYS A 231 -10.64 5.48 -20.60
C CYS A 231 -9.31 4.81 -20.19
N ARG A 232 -8.55 5.56 -19.41
CA ARG A 232 -7.31 5.08 -18.79
C ARG A 232 -7.24 5.73 -17.43
N ARG A 233 -7.25 4.90 -16.38
CA ARG A 233 -7.13 5.46 -15.05
C ARG A 233 -6.42 4.50 -14.14
N LEU A 234 -5.73 5.03 -13.14
CA LEU A 234 -5.20 4.16 -12.08
C LEU A 234 -5.33 4.86 -10.73
N ALA A 235 -5.26 4.09 -9.66
CA ALA A 235 -5.37 4.64 -8.32
C ALA A 235 -4.42 3.87 -7.45
N VAL A 236 -3.67 4.55 -6.59
CA VAL A 236 -2.78 3.86 -5.62
C VAL A 236 -3.33 4.16 -4.22
N PHE A 237 -3.78 3.14 -3.52
CA PHE A 237 -4.45 3.32 -2.23
C PHE A 237 -3.42 3.11 -1.14
N GLY A 238 -3.29 4.10 -0.28
CA GLY A 238 -2.41 3.92 0.88
C GLY A 238 -3.14 4.12 2.17
N GLU A 239 -2.40 4.00 3.28
CA GLU A 239 -2.98 4.17 4.61
C GLU A 239 -3.51 5.59 4.89
N ALA A 240 -2.92 6.57 4.23
CA ALA A 240 -3.16 7.99 4.55
C ALA A 240 -3.74 8.82 3.42
N GLY A 241 -3.88 8.23 2.24
CA GLY A 241 -4.37 8.93 1.05
C GLY A 241 -4.45 7.97 -0.12
N THR A 242 -4.96 8.45 -1.23
CA THR A 242 -5.13 7.66 -2.46
C THR A 242 -4.64 8.57 -3.60
N LEU A 243 -3.76 8.07 -4.46
CA LEU A 243 -3.32 8.83 -5.63
C LEU A 243 -3.97 8.23 -6.84
N VAL A 244 -4.61 9.09 -7.64
CA VAL A 244 -5.31 8.69 -8.87
C VAL A 244 -4.79 9.44 -10.11
N MSE A 245 -4.55 8.70 -11.19
CA MSE A 245 -4.32 9.32 -12.50
C MSE A 245 -5.46 8.93 -13.40
O MSE A 245 -5.65 7.75 -13.61
CB MSE A 245 -3.02 8.82 -13.10
CG MSE A 245 -1.84 9.54 -12.61
SE MSE A 245 -0.22 8.63 -13.04
CE MSE A 245 -0.47 8.22 -14.89
N ASP A 246 -6.18 9.92 -13.94
CA ASP A 246 -7.42 9.65 -14.68
C ASP A 246 -7.54 10.53 -15.92
N ASP A 247 -7.67 9.92 -17.10
CA ASP A 247 -7.77 10.69 -18.37
C ASP A 247 -8.98 11.61 -18.48
N ARG A 248 -10.10 11.19 -17.93
CA ARG A 248 -11.33 11.96 -17.97
C ARG A 248 -11.31 13.16 -17.02
N ALA A 249 -10.35 13.21 -16.08
CA ALA A 249 -10.28 14.31 -15.13
C ALA A 249 -9.57 15.54 -15.71
N THR A 250 -9.99 16.71 -15.23
CA THR A 250 -9.31 17.99 -15.54
C THR A 250 -7.83 17.91 -15.17
N ASP A 251 -7.55 17.22 -14.07
CA ASP A 251 -6.20 17.10 -13.53
C ASP A 251 -5.60 15.70 -13.67
N LYS A 252 -4.38 15.70 -14.17
CA LYS A 252 -3.63 14.49 -14.44
C LYS A 252 -3.34 13.66 -13.17
N LEU A 253 -3.15 14.32 -12.03
CA LEU A 253 -2.79 13.64 -10.78
C LEU A 253 -3.54 14.30 -9.61
N THR A 254 -4.33 13.50 -8.89
CA THR A 254 -5.13 14.02 -7.77
C THR A 254 -4.88 13.24 -6.49
N LEU A 255 -4.79 13.98 -5.38
CA LEU A 255 -4.74 13.40 -4.04
C LEU A 255 -6.13 13.35 -3.39
N HIS A 256 -6.48 12.18 -2.90
CA HIS A 256 -7.78 11.93 -2.28
C HIS A 256 -7.61 11.36 -0.90
N PRO A 257 -8.67 11.37 -0.07
CA PRO A 257 -8.56 10.72 1.23
C PRO A 257 -8.26 9.24 1.19
N PRO A 258 -7.81 8.70 2.32
CA PRO A 258 -7.63 7.25 2.40
C PRO A 258 -8.95 6.46 2.27
N GLN A 259 -8.80 5.21 1.87
CA GLN A 259 -9.94 4.30 1.83
C GLN A 259 -9.56 2.98 2.46
N PRO A 260 -10.56 2.21 2.87
CA PRO A 260 -10.41 0.77 2.92
C PRO A 260 -11.02 -0.01 1.72
N ASP A 261 -12.01 0.53 1.01
CA ASP A 261 -12.80 -0.29 0.05
C ASP A 261 -12.17 -0.54 -1.33
N GLY A 262 -11.13 0.21 -1.68
CA GLY A 262 -10.52 0.05 -3.00
C GLY A 262 -11.37 0.50 -4.17
N ASN A 263 -12.44 1.25 -3.90
CA ASN A 263 -13.28 1.79 -4.93
C ASN A 263 -12.66 3.06 -5.46
N TRP A 264 -12.99 3.40 -6.69
CA TRP A 264 -12.55 4.64 -7.27
C TRP A 264 -13.03 5.81 -6.46
N PRO A 265 -12.11 6.67 -6.01
CA PRO A 265 -12.56 7.88 -5.38
C PRO A 265 -13.58 8.67 -6.19
N VAL A 266 -14.67 9.05 -5.52
CA VAL A 266 -15.63 10.00 -6.07
C VAL A 266 -15.26 11.38 -5.54
N GLY A 267 -15.45 12.40 -6.36
CA GLY A 267 -15.05 13.75 -5.96
C GLY A 267 -13.78 14.21 -6.64
N GLN A 268 -13.54 15.52 -6.59
CA GLN A 268 -12.47 16.15 -7.36
C GLN A 268 -11.08 15.79 -6.85
N GLY A 269 -10.92 15.76 -5.52
CA GLY A 269 -9.62 15.55 -4.90
C GLY A 269 -8.77 16.81 -4.99
N HIS A 270 -7.52 16.71 -4.54
CA HIS A 270 -6.57 17.82 -4.57
C HIS A 270 -5.62 17.59 -5.74
N ALA A 271 -5.67 18.49 -6.73
CA ALA A 271 -4.77 18.44 -7.88
C ALA A 271 -3.32 18.66 -7.49
N LEU A 272 -2.44 17.73 -7.89
CA LEU A 272 -1.00 17.87 -7.70
C LEU A 272 -0.38 18.36 -8.99
N THR A 273 0.71 19.13 -8.88
CA THR A 273 1.34 19.70 -10.06
C THR A 273 2.04 18.65 -10.94
N VAL A 274 1.69 18.67 -12.21
CA VAL A 274 2.28 17.79 -13.20
C VAL A 274 2.59 18.66 -14.43
N THR A 275 3.80 18.51 -14.94
CA THR A 275 4.24 19.28 -16.09
C THR A 275 3.86 18.58 -17.40
N ASP A 276 4.00 19.31 -18.50
CA ASP A 276 3.21 18.97 -19.69
C ASP A 276 3.98 18.28 -20.85
N GLU A 277 5.24 17.90 -20.66
CA GLU A 277 5.93 17.18 -21.71
C GLU A 277 5.15 15.92 -22.03
N MSE A 278 4.98 15.64 -23.33
CA MSE A 278 4.31 14.42 -23.74
C MSE A 278 5.13 13.17 -23.43
O MSE A 278 6.33 13.14 -23.62
CB MSE A 278 3.91 14.47 -25.20
CG MSE A 278 2.48 14.94 -25.31
SE MSE A 278 1.92 14.41 -27.01
CE MSE A 278 2.83 15.55 -27.88
N PRO A 279 4.47 12.14 -22.89
CA PRO A 279 5.27 10.95 -22.58
C PRO A 279 6.15 10.44 -23.70
N LEU A 280 5.63 10.30 -24.92
CA LEU A 280 6.44 9.76 -26.02
C LEU A 280 7.60 10.70 -26.36
N THR A 281 7.35 12.00 -26.29
CA THR A 281 8.43 12.94 -26.51
C THR A 281 9.52 12.71 -25.47
N ARG A 282 9.13 12.52 -24.20
CA ARG A 282 10.06 12.22 -23.13
C ARG A 282 10.85 10.96 -23.34
N ALA A 283 10.16 9.88 -23.74
CA ALA A 283 10.81 8.59 -24.04
C ALA A 283 11.93 8.68 -25.08
N VAL A 284 11.59 9.25 -26.23
CA VAL A 284 12.55 9.43 -27.32
C VAL A 284 13.63 10.49 -26.99
N ARG A 285 13.26 11.59 -26.33
CA ARG A 285 14.27 12.57 -25.91
C ARG A 285 15.31 11.96 -24.96
N LEU A 286 14.84 11.33 -23.89
CA LEU A 286 15.71 10.64 -22.95
C LEU A 286 16.54 9.55 -23.60
N PHE A 287 15.91 8.70 -24.40
CA PHE A 287 16.59 7.60 -25.06
C PHE A 287 17.71 8.17 -25.93
N ALA A 288 17.39 9.12 -26.80
CA ALA A 288 18.42 9.68 -27.69
C ALA A 288 19.56 10.26 -26.85
N GLY A 289 19.20 10.85 -25.72
CA GLY A 289 20.17 11.42 -24.79
C GLY A 289 21.08 10.46 -24.07
N ALA A 290 20.68 9.20 -23.99
CA ALA A 290 21.47 8.21 -23.33
C ALA A 290 22.35 7.41 -24.29
N VAL A 291 22.19 7.60 -25.61
CA VAL A 291 22.80 6.68 -26.56
C VAL A 291 24.33 6.72 -26.40
N ARG A 292 24.88 7.92 -26.34
CA ARG A 292 26.32 8.15 -26.26
C ARG A 292 26.86 8.12 -24.84
N GLN A 293 25.98 8.01 -23.86
CA GLN A 293 26.37 7.87 -22.46
C GLN A 293 25.36 6.95 -21.81
N PRO A 294 25.48 5.64 -22.07
CA PRO A 294 24.40 4.75 -21.74
C PRO A 294 24.10 4.64 -20.25
N GLU A 295 22.82 4.35 -19.97
CA GLU A 295 22.33 4.07 -18.63
C GLU A 295 21.08 3.18 -18.72
N PRO A 296 20.69 2.57 -17.60
CA PRO A 296 19.54 1.68 -17.70
C PRO A 296 18.25 2.43 -17.97
N GLY A 297 18.11 3.66 -17.42
CA GLY A 297 16.92 4.49 -17.62
C GLY A 297 15.67 3.95 -16.92
N PRO A 298 14.53 4.63 -17.13
CA PRO A 298 13.31 4.31 -16.36
C PRO A 298 12.56 3.04 -16.78
N SER A 299 12.87 2.56 -17.99
CA SER A 299 12.20 1.40 -18.53
C SER A 299 13.21 0.45 -19.20
N PRO A 300 14.06 -0.20 -18.40
CA PRO A 300 15.07 -1.07 -18.94
C PRO A 300 14.57 -2.38 -19.51
N LEU A 301 15.44 -2.98 -20.29
CA LEU A 301 15.21 -4.29 -20.83
C LEU A 301 14.77 -5.33 -19.77
N GLU A 302 15.39 -5.28 -18.60
CA GLU A 302 15.06 -6.25 -17.52
C GLU A 302 13.61 -6.12 -17.08
N LEU A 303 13.12 -4.91 -17.04
CA LEU A 303 11.72 -4.70 -16.74
C LEU A 303 10.83 -5.25 -17.84
N GLY A 304 11.20 -5.07 -19.12
CA GLY A 304 10.45 -5.64 -20.24
C GLY A 304 10.38 -7.16 -20.13
N LEU A 305 11.50 -7.75 -19.74
CA LEU A 305 11.52 -9.21 -19.55
C LEU A 305 10.55 -9.64 -18.41
N ARG A 306 10.58 -8.92 -17.31
CA ARG A 306 9.75 -9.27 -16.15
C ARG A 306 8.26 -9.11 -16.49
N VAL A 307 7.93 -8.08 -17.28
CA VAL A 307 6.54 -7.86 -17.79
C VAL A 307 6.10 -9.04 -18.65
N VAL A 308 6.99 -9.49 -19.55
CA VAL A 308 6.71 -10.67 -20.39
C VAL A 308 6.46 -11.92 -19.55
N ARG A 309 7.19 -12.03 -18.46
CA ARG A 309 7.02 -13.20 -17.57
C ARG A 309 5.62 -13.21 -16.95
N VAL A 310 5.19 -12.07 -16.47
CA VAL A 310 3.89 -11.97 -15.83
C VAL A 310 2.78 -12.18 -16.87
N LEU A 311 2.94 -11.61 -18.07
CA LEU A 311 1.87 -11.73 -19.06
C LEU A 311 1.66 -13.18 -19.44
N GLY A 312 2.77 -13.91 -19.61
CA GLY A 312 2.71 -15.34 -19.88
C GLY A 312 2.06 -16.15 -18.76
N ALA A 313 2.28 -15.75 -17.50
CA ALA A 313 1.59 -16.35 -16.34
C ALA A 313 0.06 -16.11 -16.30
N CYS A 314 -0.42 -15.09 -17.01
CA CYS A 314 -1.85 -14.76 -17.07
C CYS A 314 -2.52 -15.33 -18.31
N SER A 315 -1.72 -15.80 -19.28
CA SER A 315 -2.26 -16.31 -20.53
C SER A 315 -2.76 -17.72 -20.34
N SER B 9 -26.42 -19.53 20.71
CA SER B 9 -26.35 -18.89 19.35
C SER B 9 -25.14 -17.93 19.27
N PRO B 10 -24.11 -18.26 18.48
CA PRO B 10 -22.92 -17.42 18.54
C PRO B 10 -23.24 -16.05 18.01
N VAL B 11 -22.53 -15.06 18.54
CA VAL B 11 -22.70 -13.66 18.14
C VAL B 11 -22.03 -13.44 16.81
N ARG B 12 -22.76 -12.84 15.88
CA ARG B 12 -22.38 -12.77 14.49
C ARG B 12 -21.55 -11.52 14.25
N LEU B 13 -20.25 -11.69 14.11
CA LEU B 13 -19.31 -10.58 13.89
C LEU B 13 -18.88 -10.49 12.44
N ALA B 14 -18.55 -9.29 12.01
CA ALA B 14 -17.86 -9.10 10.76
C ALA B 14 -16.54 -8.38 11.04
N LEU B 15 -15.56 -8.57 10.18
CA LEU B 15 -14.26 -7.93 10.29
C LEU B 15 -14.05 -7.05 9.04
N ILE B 16 -13.73 -5.77 9.26
CA ILE B 16 -13.33 -4.86 8.22
C ILE B 16 -11.84 -4.54 8.45
N GLY B 17 -11.00 -5.08 7.57
CA GLY B 17 -9.54 -5.13 7.74
C GLY B 17 -8.86 -4.53 6.54
N ALA B 18 -7.74 -3.84 6.77
CA ALA B 18 -6.93 -3.29 5.70
C ALA B 18 -5.53 -3.06 6.24
N GLY B 19 -4.54 -3.30 5.38
CA GLY B 19 -3.13 -3.13 5.73
C GLY B 19 -2.62 -4.24 6.63
N ARG B 20 -1.73 -3.85 7.54
CA ARG B 20 -1.21 -4.73 8.61
C ARG B 20 -2.17 -4.86 9.79
N TRP B 21 -3.25 -4.09 9.74
CA TRP B 21 -4.03 -3.79 10.92
C TRP B 21 -4.95 -4.94 11.40
N GLY B 22 -5.42 -5.82 10.51
N GLY B 22 -5.42 -5.82 10.51
CA GLY B 22 -6.38 -6.91 10.85
CA GLY B 22 -6.38 -6.88 10.85
C GLY B 22 -5.70 -8.25 11.09
C GLY B 22 -5.84 -8.00 11.70
N LYS B 23 -4.64 -8.22 11.87
N LYS B 23 -5.11 -7.64 12.76
CA LYS B 23 -3.58 -9.24 11.87
CA LYS B 23 -4.29 -8.57 13.54
C LYS B 23 -3.89 -10.60 12.51
C LYS B 23 -4.67 -10.02 13.33
N ASN B 24 -4.72 -10.66 13.55
N ASN B 24 -4.65 -10.77 14.43
CA ASN B 24 -4.91 -11.89 14.35
CA ASN B 24 -4.99 -12.19 14.42
C ASN B 24 -6.37 -12.32 14.65
C ASN B 24 -6.47 -12.42 14.67
N TYR B 25 -7.34 -11.54 14.17
CA TYR B 25 -8.76 -11.69 14.52
C TYR B 25 -9.45 -12.96 14.04
N ILE B 26 -9.11 -13.40 12.84
CA ILE B 26 -9.85 -14.46 12.21
C ILE B 26 -9.62 -15.73 13.02
N ARG B 27 -8.35 -15.98 13.39
CA ARG B 27 -8.04 -17.19 14.20
C ARG B 27 -8.62 -17.04 15.60
N THR B 28 -8.54 -15.84 16.17
CA THR B 28 -9.12 -15.58 17.48
C THR B 28 -10.62 -15.86 17.50
N ILE B 29 -11.37 -15.40 16.47
CA ILE B 29 -12.82 -15.63 16.43
C ILE B 29 -13.15 -17.11 16.25
N ALA B 30 -12.39 -17.76 15.36
CA ALA B 30 -12.55 -19.19 15.11
C ALA B 30 -12.53 -19.95 16.40
N GLY B 31 -11.57 -19.59 17.27
CA GLY B 31 -11.42 -20.25 18.57
C GLY B 31 -12.40 -19.87 19.68
N LEU B 32 -13.30 -18.93 19.42
CA LEU B 32 -14.27 -18.50 20.44
C LEU B 32 -15.66 -19.11 20.17
N PRO B 33 -16.13 -19.99 21.07
CA PRO B 33 -17.42 -20.64 20.79
C PRO B 33 -18.65 -19.71 20.74
N GLY B 34 -18.57 -18.55 21.37
CA GLY B 34 -19.68 -17.60 21.37
C GLY B 34 -19.67 -16.54 20.29
N ALA B 35 -18.78 -16.69 19.33
CA ALA B 35 -18.71 -15.71 18.24
C ALA B 35 -18.52 -16.46 16.94
N ALA B 36 -19.01 -15.87 15.86
CA ALA B 36 -18.86 -16.39 14.51
C ALA B 36 -18.47 -15.23 13.58
N LEU B 37 -17.55 -15.50 12.65
CA LEU B 37 -17.16 -14.56 11.60
C LEU B 37 -18.09 -14.76 10.41
N VAL B 38 -19.06 -13.86 10.24
CA VAL B 38 -20.08 -14.02 9.21
C VAL B 38 -19.81 -13.25 7.90
N ARG B 39 -19.08 -12.15 7.97
CA ARG B 39 -18.62 -11.40 6.77
C ARG B 39 -17.25 -10.79 6.98
N LEU B 40 -16.48 -10.72 5.90
CA LEU B 40 -15.12 -10.20 5.94
C LEU B 40 -14.95 -9.24 4.79
N ALA B 41 -14.55 -8.01 5.08
CA ALA B 41 -14.04 -7.12 4.07
C ALA B 41 -12.57 -6.84 4.32
N SER B 42 -11.70 -7.43 3.52
CA SER B 42 -10.24 -7.34 3.73
C SER B 42 -9.44 -7.06 2.46
N SER B 43 -8.41 -6.22 2.57
CA SER B 43 -7.56 -5.88 1.41
C SER B 43 -6.52 -6.97 1.15
N ASN B 44 -6.35 -7.83 2.15
CA ASN B 44 -5.20 -8.71 2.24
C ASN B 44 -5.57 -10.12 1.81
N PRO B 45 -4.99 -10.60 0.69
CA PRO B 45 -5.34 -11.92 0.17
C PRO B 45 -5.03 -13.06 1.13
N ASP B 46 -4.07 -12.87 2.04
CA ASP B 46 -3.79 -13.88 3.06
C ASP B 46 -4.96 -14.08 4.03
N ASN B 47 -5.69 -12.98 4.32
CA ASN B 47 -6.88 -13.04 5.19
C ASN B 47 -8.05 -13.78 4.54
N LEU B 48 -8.35 -13.42 3.30
CA LEU B 48 -9.40 -14.11 2.53
C LEU B 48 -9.22 -15.64 2.57
N ALA B 49 -7.96 -16.08 2.61
CA ALA B 49 -7.63 -17.51 2.71
C ALA B 49 -8.07 -18.19 4.01
N LEU B 50 -8.22 -17.42 5.09
CA LEU B 50 -8.48 -17.98 6.44
C LEU B 50 -9.96 -18.06 6.90
N VAL B 51 -10.88 -17.43 6.16
CA VAL B 51 -12.28 -17.31 6.58
C VAL B 51 -13.01 -18.65 6.66
N PRO B 52 -13.97 -18.76 7.61
CA PRO B 52 -14.69 -20.02 7.74
C PRO B 52 -15.72 -20.21 6.61
N PRO B 53 -16.15 -21.47 6.40
CA PRO B 53 -17.20 -21.67 5.42
C PRO B 53 -18.47 -20.89 5.84
N GLY B 54 -19.13 -20.29 4.88
CA GLY B 54 -20.32 -19.48 5.18
C GLY B 54 -19.99 -18.01 5.37
N CYS B 55 -18.72 -17.67 5.58
CA CYS B 55 -18.35 -16.27 5.72
C CYS B 55 -18.39 -15.56 4.34
N VAL B 56 -19.19 -14.51 4.25
CA VAL B 56 -19.37 -13.76 3.02
C VAL B 56 -18.15 -12.90 2.81
N ILE B 57 -17.54 -12.99 1.63
N ILE B 57 -17.53 -13.00 1.63
CA ILE B 57 -16.38 -12.18 1.29
CA ILE B 57 -16.38 -12.17 1.31
C ILE B 57 -16.85 -10.91 0.58
C ILE B 57 -16.83 -10.91 0.58
N GLU B 58 -16.49 -9.76 1.16
CA GLU B 58 -16.84 -8.46 0.58
C GLU B 58 -15.64 -7.63 0.17
N SER B 59 -15.81 -6.82 -0.89
CA SER B 59 -14.82 -5.84 -1.30
C SER B 59 -15.18 -4.47 -0.73
N ASP B 60 -16.48 -4.22 -0.55
CA ASP B 60 -16.97 -2.94 -0.08
C ASP B 60 -17.39 -3.04 1.37
N TRP B 61 -16.69 -2.33 2.26
CA TRP B 61 -16.98 -2.41 3.67
C TRP B 61 -18.43 -1.97 3.95
N ARG B 62 -19.04 -1.15 3.09
CA ARG B 62 -20.47 -0.73 3.27
C ARG B 62 -21.45 -1.92 3.31
N SER B 63 -21.08 -3.00 2.61
CA SER B 63 -21.91 -4.21 2.55
C SER B 63 -21.83 -4.96 3.87
N VAL B 64 -20.75 -4.74 4.62
CA VAL B 64 -20.68 -5.28 5.98
C VAL B 64 -21.62 -4.51 6.89
N VAL B 65 -21.61 -3.17 6.83
CA VAL B 65 -22.50 -2.40 7.75
C VAL B 65 -23.97 -2.46 7.36
N SER B 66 -24.30 -2.85 6.12
CA SER B 66 -25.71 -2.98 5.68
C SER B 66 -26.24 -4.39 5.85
N ALA B 67 -25.42 -5.28 6.42
CA ALA B 67 -25.73 -6.70 6.47
C ALA B 67 -26.72 -6.94 7.59
N PRO B 68 -27.89 -7.56 7.30
CA PRO B 68 -28.89 -7.88 8.31
C PRO B 68 -28.48 -8.74 9.46
N GLU B 69 -27.68 -9.77 9.16
CA GLU B 69 -27.26 -10.77 10.13
C GLU B 69 -26.01 -10.37 10.95
N VAL B 70 -25.33 -9.29 10.60
CA VAL B 70 -24.14 -8.88 11.36
C VAL B 70 -24.63 -8.12 12.59
N GLU B 71 -24.20 -8.57 13.75
CA GLU B 71 -24.56 -7.89 15.02
C GLU B 71 -23.53 -6.87 15.46
N ALA B 72 -22.26 -7.12 15.15
CA ALA B 72 -21.17 -6.24 15.53
C ALA B 72 -20.06 -6.31 14.49
N VAL B 73 -19.27 -5.25 14.41
CA VAL B 73 -18.12 -5.15 13.46
C VAL B 73 -16.79 -4.84 14.20
N ILE B 74 -15.74 -5.62 13.90
CA ILE B 74 -14.37 -5.30 14.30
C ILE B 74 -13.78 -4.44 13.16
N ILE B 75 -13.37 -3.20 13.49
CA ILE B 75 -12.77 -2.24 12.56
C ILE B 75 -11.22 -2.22 12.73
N ALA B 76 -10.51 -2.89 11.82
CA ALA B 76 -9.07 -3.08 11.90
C ALA B 76 -8.41 -2.58 10.61
N THR B 77 -8.64 -1.30 10.33
CA THR B 77 -8.24 -0.58 9.11
C THR B 77 -7.23 0.50 9.55
N PRO B 78 -6.58 1.18 8.58
CA PRO B 78 -5.71 2.29 9.01
C PRO B 78 -6.47 3.33 9.81
N PRO B 79 -5.83 3.90 10.84
CA PRO B 79 -6.53 4.82 11.77
C PRO B 79 -7.17 6.09 11.15
N ALA B 80 -6.61 6.59 10.06
CA ALA B 80 -7.19 7.71 9.30
C ALA B 80 -8.60 7.41 8.78
N THR B 81 -8.93 6.13 8.65
CA THR B 81 -10.22 5.64 8.16
C THR B 81 -11.21 5.18 9.27
N HIS B 82 -10.74 5.09 10.52
CA HIS B 82 -11.58 4.51 11.58
C HIS B 82 -12.91 5.23 11.72
N ALA B 83 -12.88 6.58 11.63
CA ALA B 83 -14.03 7.42 11.95
C ALA B 83 -15.17 7.23 10.94
N GLU B 84 -14.88 7.34 9.63
CA GLU B 84 -15.88 7.10 8.57
C GLU B 84 -16.62 5.79 8.74
N ILE B 85 -15.84 4.74 8.96
CA ILE B 85 -16.41 3.36 9.09
C ILE B 85 -17.19 3.18 10.41
N THR B 86 -16.64 3.71 11.51
CA THR B 86 -17.28 3.60 12.82
C THR B 86 -18.63 4.35 12.83
N LEU B 87 -18.63 5.53 12.26
CA LEU B 87 -19.86 6.30 12.12
C LEU B 87 -20.95 5.56 11.29
N ALA B 88 -20.55 4.93 10.20
CA ALA B 88 -21.42 4.07 9.40
C ALA B 88 -21.96 2.88 10.19
N ALA B 89 -21.12 2.19 10.94
CA ALA B 89 -21.57 1.06 11.74
C ALA B 89 -22.58 1.59 12.80
N ILE B 90 -22.22 2.65 13.51
CA ILE B 90 -23.11 3.26 14.51
C ILE B 90 -24.51 3.56 13.93
N ALA B 91 -24.51 4.28 12.81
CA ALA B 91 -25.75 4.67 12.10
C ALA B 91 -26.56 3.44 11.71
N SER B 92 -25.88 2.35 11.40
CA SER B 92 -26.56 1.08 11.09
C SER B 92 -27.00 0.28 12.30
N GLY B 93 -26.61 0.68 13.52
CA GLY B 93 -26.99 0.00 14.75
C GLY B 93 -26.11 -1.17 15.15
N LYS B 94 -24.92 -1.28 14.57
CA LYS B 94 -23.99 -2.38 14.89
C LYS B 94 -23.02 -1.99 15.97
N ALA B 95 -22.81 -2.84 16.97
CA ALA B 95 -21.77 -2.58 17.99
C ALA B 95 -20.41 -2.52 17.24
N VAL B 96 -19.41 -1.84 17.80
CA VAL B 96 -18.07 -1.71 17.18
C VAL B 96 -16.95 -1.96 18.16
N LEU B 97 -16.00 -2.81 17.78
CA LEU B 97 -14.64 -2.90 18.37
C LEU B 97 -13.68 -2.29 17.34
N VAL B 98 -13.15 -1.10 17.64
CA VAL B 98 -12.22 -0.43 16.72
C VAL B 98 -10.80 -0.43 17.26
N GLU B 99 -9.83 -0.56 16.37
CA GLU B 99 -8.44 -0.65 16.80
C GLU B 99 -7.99 0.71 17.28
N LYS B 100 -7.01 0.71 18.17
CA LYS B 100 -6.35 1.94 18.58
C LYS B 100 -5.37 2.33 17.48
N PRO B 101 -5.02 3.61 17.38
CA PRO B 101 -5.68 4.71 18.09
C PRO B 101 -7.10 4.89 17.51
N LEU B 102 -8.01 5.43 18.31
CA LEU B 102 -9.39 5.56 17.89
C LEU B 102 -9.44 6.33 16.57
N THR B 103 -8.80 7.49 16.55
CA THR B 103 -8.53 8.25 15.33
C THR B 103 -7.13 8.90 15.44
N LEU B 104 -6.74 9.64 14.41
CA LEU B 104 -5.57 10.54 14.46
C LEU B 104 -6.01 12.01 14.55
N ASP B 105 -7.26 12.27 14.97
CA ASP B 105 -7.86 13.59 14.84
C ASP B 105 -8.94 13.73 15.92
N LEU B 106 -8.83 14.79 16.71
CA LEU B 106 -9.75 15.03 17.80
C LEU B 106 -11.16 15.31 17.34
N ALA B 107 -11.34 16.11 16.29
CA ALA B 107 -12.68 16.41 15.78
C ALA B 107 -13.39 15.12 15.37
N GLU B 108 -12.66 14.23 14.72
CA GLU B 108 -13.24 12.94 14.31
C GLU B 108 -13.67 12.13 15.50
N ALA B 109 -12.79 12.03 16.50
CA ALA B 109 -13.05 11.20 17.71
C ALA B 109 -14.28 11.78 18.42
N GLU B 110 -14.40 13.10 18.47
CA GLU B 110 -15.60 13.72 19.04
C GLU B 110 -16.87 13.39 18.25
N ALA B 111 -16.77 13.41 16.90
CA ALA B 111 -17.88 13.01 16.00
C ALA B 111 -18.41 11.61 16.35
N VAL B 112 -17.46 10.69 16.47
CA VAL B 112 -17.78 9.34 16.95
C VAL B 112 -18.45 9.32 18.31
N ALA B 113 -17.92 10.09 19.26
CA ALA B 113 -18.54 10.24 20.55
C ALA B 113 -19.97 10.84 20.48
N ALA B 114 -20.20 11.86 19.65
CA ALA B 114 -21.56 12.44 19.53
C ALA B 114 -22.55 11.42 18.94
N ALA B 115 -22.10 10.63 17.95
CA ALA B 115 -22.99 9.75 17.24
C ALA B 115 -23.36 8.54 18.13
N ALA B 116 -22.37 8.01 18.83
CA ALA B 116 -22.56 6.95 19.82
C ALA B 116 -23.52 7.42 20.97
N LYS B 117 -23.37 8.64 21.44
CA LYS B 117 -24.29 9.17 22.43
C LYS B 117 -25.73 9.24 21.90
N ALA B 118 -25.89 9.62 20.64
CA ALA B 118 -27.20 9.85 20.04
C ALA B 118 -27.98 8.56 19.73
N THR B 119 -27.26 7.49 19.44
CA THR B 119 -27.82 6.22 18.99
C THR B 119 -27.85 5.22 20.13
N GLY B 120 -27.04 5.47 21.17
CA GLY B 120 -26.73 4.48 22.19
C GLY B 120 -25.97 3.24 21.77
N VAL B 121 -25.28 3.27 20.61
CA VAL B 121 -24.61 2.07 20.11
C VAL B 121 -23.33 1.88 20.89
N MSE B 122 -23.01 0.66 21.27
CA MSE B 122 -21.80 0.36 22.03
C MSE B 122 -20.53 0.39 21.16
O MSE B 122 -20.50 -0.25 20.10
CB MSE B 122 -21.93 -1.04 22.66
CG MSE B 122 -20.94 -1.29 23.73
SE MSE B 122 -21.16 -3.25 24.08
CE MSE B 122 -19.89 -4.12 22.96
N VAL B 123 -19.51 1.17 21.58
CA VAL B 123 -18.22 1.30 20.84
C VAL B 123 -17.11 1.02 21.85
N TRP B 124 -16.34 -0.07 21.64
CA TRP B 124 -15.14 -0.39 22.47
C TRP B 124 -13.87 -0.11 21.63
N VAL B 125 -12.80 0.37 22.27
CA VAL B 125 -11.50 0.52 21.61
C VAL B 125 -10.59 -0.62 22.06
N GLU B 126 -9.90 -1.18 21.09
CA GLU B 126 -8.98 -2.27 21.34
C GLU B 126 -7.62 -1.70 21.77
N HIS B 127 -7.62 -1.03 22.92
CA HIS B 127 -6.37 -0.74 23.64
C HIS B 127 -6.00 -2.02 24.37
N THR B 128 -5.12 -2.82 23.78
CA THR B 128 -4.93 -4.23 24.20
C THR B 128 -4.47 -4.45 25.64
N GLN B 129 -3.76 -3.48 26.19
CA GLN B 129 -3.32 -3.54 27.60
C GLN B 129 -4.50 -3.59 28.56
N LEU B 130 -5.56 -2.85 28.24
CA LEU B 130 -6.74 -2.82 29.09
C LEU B 130 -7.50 -4.17 29.08
N PHE B 131 -7.15 -5.07 28.17
CA PHE B 131 -7.64 -6.46 28.18
C PHE B 131 -6.58 -7.48 28.54
N ASN B 132 -5.46 -7.02 29.09
CA ASN B 132 -4.39 -7.95 29.47
C ASN B 132 -4.62 -8.37 30.92
N PRO B 133 -4.75 -9.69 31.18
CA PRO B 133 -4.92 -10.13 32.57
C PRO B 133 -3.81 -9.69 33.53
N ALA B 134 -2.60 -9.47 33.03
CA ALA B 134 -1.51 -8.99 33.86
C ALA B 134 -1.79 -7.57 34.37
N TRP B 135 -2.39 -6.72 33.53
CA TRP B 135 -2.79 -5.35 33.88
C TRP B 135 -3.98 -5.32 34.86
N GLU B 136 -4.93 -6.22 34.64
N GLU B 136 -4.96 -6.19 34.67
CA GLU B 136 -6.00 -6.48 35.59
CA GLU B 136 -6.00 -6.36 35.66
C GLU B 136 -5.45 -6.91 36.95
C GLU B 136 -5.46 -6.91 36.99
N ALA B 137 -4.50 -7.84 36.95
CA ALA B 137 -3.85 -8.31 38.20
C ALA B 137 -3.07 -7.18 38.89
N LEU B 138 -2.42 -6.33 38.09
CA LEU B 138 -1.69 -5.21 38.61
C LEU B 138 -2.61 -4.20 39.32
N LYS B 139 -3.67 -3.76 38.64
CA LYS B 139 -4.65 -2.91 39.29
C LYS B 139 -5.31 -3.54 40.51
N ALA B 140 -5.50 -4.87 40.52
CA ALA B 140 -6.15 -5.53 41.66
C ALA B 140 -5.25 -5.53 42.90
N ASP B 141 -3.95 -5.33 42.68
CA ASP B 141 -2.93 -5.45 43.74
C ASP B 141 -2.33 -4.11 44.13
N LEU B 142 -2.96 -3.03 43.72
CA LEU B 142 -2.44 -1.68 43.88
C LEU B 142 -2.35 -1.23 45.31
N THR B 143 -3.27 -1.68 46.15
CA THR B 143 -3.19 -1.40 47.60
C THR B 143 -1.86 -1.80 48.18
N SER B 144 -1.30 -2.91 47.71
CA SER B 144 -0.10 -3.41 48.30
C SER B 144 1.13 -2.50 48.08
N ILE B 145 1.08 -1.56 47.14
CA ILE B 145 2.19 -0.63 46.92
C ILE B 145 1.91 0.76 47.52
N GLY B 146 0.69 1.00 47.98
CA GLY B 146 0.34 2.28 48.57
C GLY B 146 0.25 3.36 47.54
N PRO B 147 0.09 4.60 48.02
CA PRO B 147 -0.02 5.73 47.15
C PRO B 147 1.07 5.75 46.04
N ILE B 148 0.62 5.94 44.81
CA ILE B 148 1.50 5.98 43.65
C ILE B 148 2.29 7.30 43.66
N LEU B 149 3.58 7.18 43.40
CA LEU B 149 4.55 8.28 43.35
C LEU B 149 4.99 8.65 41.92
N ALA B 150 5.02 7.64 41.06
CA ALA B 150 5.55 7.75 39.72
C ALA B 150 5.10 6.57 38.89
N VAL B 151 5.05 6.77 37.58
CA VAL B 151 4.78 5.70 36.63
C VAL B 151 5.76 5.88 35.49
N ARG B 152 6.28 4.77 35.01
CA ARG B 152 7.13 4.77 33.83
C ARG B 152 6.86 3.57 32.92
N SER B 153 6.96 3.79 31.61
CA SER B 153 6.89 2.66 30.71
C SER B 153 7.85 2.81 29.56
N GLU B 154 8.19 1.68 28.95
CA GLU B 154 9.07 1.71 27.78
C GLU B 154 8.63 0.69 26.75
N ALA B 155 8.58 1.16 25.51
CA ALA B 155 8.17 0.39 24.33
C ALA B 155 9.25 0.55 23.28
N GLY B 156 9.86 -0.56 22.88
CA GLY B 156 10.94 -0.47 21.91
C GLY B 156 10.95 -1.57 20.88
N ASN B 157 11.44 -1.26 19.68
CA ASN B 157 11.69 -2.27 18.63
C ASN B 157 12.59 -1.66 17.59
N HIS B 158 13.04 -2.47 16.62
CA HIS B 158 13.85 -1.94 15.50
C HIS B 158 12.85 -1.71 14.36
N GLY B 159 12.39 -0.47 14.23
CA GLY B 159 11.34 -0.11 13.30
C GLY B 159 9.99 -0.75 13.64
N PRO B 160 9.15 -1.00 12.62
CA PRO B 160 9.44 -0.79 11.20
C PRO B 160 9.48 0.67 10.79
N TYR B 161 10.22 0.96 9.72
CA TYR B 161 10.42 2.31 9.22
C TYR B 161 9.75 2.30 7.91
N ARG B 162 8.65 3.04 7.84
CA ARG B 162 7.79 3.05 6.66
C ARG B 162 7.55 4.49 6.33
N PRO B 163 7.89 4.88 5.11
CA PRO B 163 7.56 6.23 4.66
C PRO B 163 6.07 6.54 4.80
N GLY B 164 5.76 7.66 5.45
CA GLY B 164 4.36 8.03 5.68
C GLY B 164 3.57 7.10 6.59
N GLY B 165 4.26 6.19 7.29
CA GLY B 165 3.62 5.25 8.23
C GLY B 165 2.92 6.00 9.36
N VAL B 166 1.98 5.33 10.06
CA VAL B 166 1.36 5.98 11.23
C VAL B 166 2.50 6.33 12.19
N PRO B 167 2.54 7.58 12.66
CA PRO B 167 3.58 7.96 13.60
C PRO B 167 3.61 7.10 14.86
N MSE B 168 4.84 6.73 15.25
CA MSE B 168 5.08 5.94 16.48
C MSE B 168 4.39 6.58 17.67
O MSE B 168 3.85 5.90 18.48
CB MSE B 168 6.59 5.87 16.75
CG MSE B 168 6.97 5.21 18.05
SE MSE B 168 8.87 5.12 18.23
CE MSE B 168 9.17 6.97 18.31
N LEU B 169 4.43 7.91 17.80
CA LEU B 169 3.85 8.57 18.95
C LEU B 169 2.36 8.26 19.05
N TRP B 170 1.68 8.17 17.91
CA TRP B 170 0.25 7.86 17.90
C TRP B 170 0.00 6.38 18.03
N ASP B 171 0.73 5.61 17.23
CA ASP B 171 0.50 4.19 17.08
C ASP B 171 0.91 3.41 18.34
N TRP B 172 2.15 3.61 18.76
CA TRP B 172 2.69 2.99 19.95
C TRP B 172 2.20 3.70 21.19
N GLY B 173 2.11 5.01 21.17
CA GLY B 173 1.77 5.67 22.39
C GLY B 173 0.36 5.41 22.86
N ALA B 174 -0.58 5.12 21.94
CA ALA B 174 -1.97 4.90 22.31
C ALA B 174 -2.07 3.76 23.31
N HIS B 175 -1.26 2.75 23.03
CA HIS B 175 -1.18 1.59 23.89
C HIS B 175 -0.75 1.97 25.32
N ASP B 176 0.21 2.89 25.46
CA ASP B 176 0.71 3.27 26.77
C ASP B 176 -0.07 4.40 27.44
N VAL B 177 -0.52 5.40 26.68
CA VAL B 177 -1.29 6.50 27.25
C VAL B 177 -2.63 6.00 27.81
N SER B 178 -3.19 4.97 27.15
CA SER B 178 -4.47 4.37 27.57
C SER B 178 -4.31 3.71 28.93
N MSE B 179 -3.22 2.96 29.10
CA MSE B 179 -2.81 2.34 30.34
C MSE B 179 -2.65 3.38 31.47
O MSE B 179 -3.15 3.17 32.58
CB MSE B 179 -1.49 1.60 30.11
CG MSE B 179 -0.97 0.90 31.30
SE MSE B 179 0.22 2.01 32.44
CE MSE B 179 1.86 1.72 31.42
N VAL B 180 -1.97 4.48 31.18
CA VAL B 180 -1.75 5.53 32.16
C VAL B 180 -3.08 6.17 32.57
N LEU B 181 -3.92 6.50 31.60
CA LEU B 181 -5.21 7.14 31.89
C LEU B 181 -6.12 6.17 32.63
N ASP B 182 -6.01 4.87 32.33
CA ASP B 182 -6.78 3.86 33.06
C ASP B 182 -6.35 3.73 34.52
N LEU B 183 -5.06 3.83 34.76
CA LEU B 183 -4.53 3.74 36.12
C LEU B 183 -4.93 4.94 36.95
N MSE B 184 -4.75 6.12 36.37
CA MSE B 184 -4.93 7.37 37.14
C MSE B 184 -6.35 7.80 37.34
O MSE B 184 -6.63 8.60 38.22
CB MSE B 184 -4.10 8.50 36.54
CG MSE B 184 -2.61 8.16 36.41
SE MSE B 184 -1.70 7.76 38.09
CE MSE B 184 -1.61 9.67 38.58
N GLY B 185 -7.25 7.33 36.47
CA GLY B 185 -8.69 7.60 36.65
C GLY B 185 -9.07 9.04 36.31
N ARG B 186 -8.19 9.73 35.64
CA ARG B 186 -8.38 11.14 35.34
C ARG B 186 -7.44 11.53 34.24
N ASP B 187 -7.60 12.75 33.72
CA ASP B 187 -6.74 13.27 32.68
C ASP B 187 -5.58 14.05 33.30
N PRO B 188 -4.47 14.21 32.56
CA PRO B 188 -3.31 14.84 33.12
C PRO B 188 -3.49 16.35 33.17
N ASP B 189 -2.81 17.00 34.11
CA ASP B 189 -2.77 18.48 34.20
C ASP B 189 -1.88 19.13 33.16
N SER B 190 -0.84 18.43 32.75
CA SER B 190 0.02 18.88 31.66
C SER B 190 0.50 17.66 30.88
N THR B 191 0.77 17.88 29.60
CA THR B 191 1.27 16.84 28.72
C THR B 191 2.30 17.43 27.78
N SER B 192 3.45 16.77 27.66
CA SER B 192 4.50 17.19 26.72
C SER B 192 5.33 16.01 26.26
N ALA B 193 6.01 16.21 25.14
CA ALA B 193 6.80 15.21 24.45
C ALA B 193 8.22 15.75 24.31
N SER B 194 9.21 14.91 24.55
CA SER B 194 10.58 15.32 24.40
C SER B 194 11.33 14.28 23.63
N TRP B 195 11.90 14.68 22.49
CA TRP B 195 12.62 13.77 21.58
C TRP B 195 14.10 13.78 21.93
N ALA B 196 14.61 12.66 22.43
CA ALA B 196 16.05 12.51 22.62
C ALA B 196 16.82 12.41 21.28
N ALA B 197 16.18 11.83 20.27
CA ALA B 197 16.80 11.60 18.96
C ALA B 197 15.68 11.43 17.96
N ARG B 198 15.83 12.05 16.80
CA ARG B 198 14.83 12.00 15.75
C ARG B 198 15.52 12.11 14.39
N GLY B 199 15.17 11.20 13.49
CA GLY B 199 15.82 11.14 12.19
C GLY B 199 15.06 10.20 11.30
N GLU B 200 15.71 9.73 10.25
CA GLU B 200 15.05 8.96 9.20
C GLU B 200 15.84 7.72 8.92
N LYS B 201 15.14 6.62 8.73
CA LYS B 201 15.76 5.36 8.35
C LYS B 201 14.89 4.71 7.33
N ASP B 202 15.46 4.44 6.16
CA ASP B 202 14.72 3.82 5.08
C ASP B 202 13.46 4.62 4.73
N GLY B 203 13.61 5.94 4.70
CA GLY B 203 12.52 6.85 4.42
C GLY B 203 11.44 6.99 5.50
N GLY B 204 11.64 6.32 6.63
CA GLY B 204 10.72 6.33 7.77
C GLY B 204 11.29 7.05 8.99
N GLU B 205 10.41 7.45 9.92
CA GLU B 205 10.84 8.06 11.16
C GLU B 205 11.55 7.05 12.03
N ALA B 206 12.70 7.48 12.56
CA ALA B 206 13.53 6.68 13.47
C ALA B 206 13.87 7.62 14.63
N GLY B 207 13.55 7.21 15.85
CA GLY B 207 13.75 8.10 16.98
C GLY B 207 13.38 7.51 18.32
N ASP B 208 13.53 8.35 19.33
CA ASP B 208 13.41 8.03 20.74
C ASP B 208 12.72 9.28 21.36
N VAL B 209 11.51 9.10 21.89
CA VAL B 209 10.72 10.19 22.45
C VAL B 209 10.20 9.75 23.81
N THR B 210 10.16 10.68 24.77
CA THR B 210 9.47 10.45 26.04
C THR B 210 8.32 11.38 26.21
N LEU B 211 7.16 10.81 26.54
CA LEU B 211 5.94 11.58 26.88
C LEU B 211 5.86 11.81 28.38
N THR B 212 5.65 13.05 28.80
CA THR B 212 5.47 13.34 30.22
C THR B 212 4.06 13.83 30.46
N LEU B 213 3.33 13.04 31.27
CA LEU B 213 1.98 13.37 31.67
C LEU B 213 1.99 13.56 33.18
N ALA B 214 1.57 14.75 33.62
CA ALA B 214 1.55 15.10 35.05
C ALA B 214 0.14 15.00 35.64
N PHE B 215 0.04 14.33 36.78
CA PHE B 215 -1.22 14.18 37.53
C PHE B 215 -0.97 14.72 38.93
N SER B 216 -1.23 16.01 39.09
CA SER B 216 -0.85 16.78 40.27
C SER B 216 0.62 16.54 40.57
N THR B 217 0.94 15.79 41.62
CA THR B 217 2.32 15.57 42.01
C THR B 217 2.97 14.28 41.43
N VAL B 218 2.24 13.53 40.62
CA VAL B 218 2.73 12.25 40.07
C VAL B 218 2.99 12.42 38.57
N GLU B 219 4.18 12.03 38.10
CA GLU B 219 4.43 12.02 36.66
C GLU B 219 4.43 10.61 36.10
N ALA B 220 3.90 10.49 34.89
CA ALA B 220 4.02 9.28 34.08
C ALA B 220 4.97 9.63 32.94
N HIS B 221 5.98 8.78 32.77
CA HIS B 221 7.01 8.94 31.71
C HIS B 221 6.88 7.75 30.80
N ILE B 222 6.51 8.02 29.56
CA ILE B 222 6.31 6.99 28.55
C ILE B 222 7.37 7.14 27.48
N ARG B 223 8.28 6.18 27.44
CA ARG B 223 9.36 6.21 26.44
C ARG B 223 8.98 5.35 25.25
N LEU B 224 9.05 5.89 24.05
CA LEU B 224 8.86 5.07 22.83
C LEU B 224 10.08 5.19 21.92
N CYS B 225 10.68 4.06 21.56
CA CYS B 225 11.92 4.04 20.76
C CYS B 225 11.98 2.91 19.75
N ASN B 226 12.02 3.28 18.48
CA ASN B 226 11.98 2.30 17.42
C ASN B 226 13.38 2.10 16.82
N THR B 227 14.40 2.21 17.67
CA THR B 227 15.75 1.87 17.30
C THR B 227 16.46 0.95 18.31
N MSE B 228 15.73 0.15 19.07
CA MSE B 228 16.34 -0.79 20.05
C MSE B 228 15.72 -2.16 20.04
O MSE B 228 14.71 -2.39 19.37
CB MSE B 228 16.27 -0.23 21.47
CG MSE B 228 14.98 -0.52 22.20
SE MSE B 228 14.41 0.93 23.56
CE MSE B 228 15.57 0.31 24.99
N ASP B 229 16.32 -3.08 20.80
CA ASP B 229 15.82 -4.45 20.87
C ASP B 229 14.38 -4.46 21.40
N LYS B 230 13.57 -5.34 20.86
CA LYS B 230 12.16 -5.46 21.23
C LYS B 230 12.06 -5.45 22.76
N CYS B 231 11.21 -4.58 23.30
N CYS B 231 11.16 -4.61 23.28
CA CYS B 231 11.02 -4.50 24.73
CA CYS B 231 11.06 -4.39 24.72
C CYS B 231 9.67 -3.86 25.04
C CYS B 231 9.68 -3.83 25.05
N ARG B 232 9.06 -4.31 26.12
CA ARG B 232 7.76 -3.79 26.58
C ARG B 232 7.76 -3.91 28.08
N ARG B 233 7.86 -2.79 28.79
CA ARG B 233 7.78 -2.86 30.24
C ARG B 233 7.14 -1.66 30.86
N LEU B 234 6.56 -1.86 32.04
CA LEU B 234 6.07 -0.76 32.79
C LEU B 234 6.29 -1.04 34.28
N ALA B 235 6.35 0.05 35.03
CA ALA B 235 6.51 -0.01 36.47
C ALA B 235 5.64 1.10 37.09
N VAL B 236 4.96 0.74 38.17
CA VAL B 236 4.15 1.65 38.96
C VAL B 236 4.81 1.70 40.33
N PHE B 237 5.34 2.87 40.66
CA PHE B 237 6.11 3.12 41.90
C PHE B 237 5.19 3.65 42.97
N GLY B 238 5.10 2.93 44.09
CA GLY B 238 4.34 3.43 45.22
C GLY B 238 5.17 3.56 46.48
N GLU B 239 4.54 4.01 47.56
CA GLU B 239 5.24 4.26 48.83
C GLU B 239 5.78 2.98 49.47
N ALA B 240 5.10 1.85 49.24
CA ALA B 240 5.38 0.60 49.94
C ALA B 240 5.85 -0.50 49.01
N GLY B 241 5.91 -0.21 47.70
CA GLY B 241 6.25 -1.22 46.73
C GLY B 241 6.28 -0.67 45.33
N THR B 242 6.68 -1.53 44.41
CA THR B 242 6.76 -1.21 43.00
C THR B 242 6.22 -2.39 42.24
N LEU B 243 5.26 -2.14 41.35
CA LEU B 243 4.75 -3.25 40.51
C LEU B 243 5.32 -3.16 39.11
N VAL B 244 5.82 -4.28 38.59
CA VAL B 244 6.46 -4.33 37.29
C VAL B 244 5.81 -5.35 36.37
N MSE B 245 5.58 -4.95 35.13
CA MSE B 245 5.22 -5.87 34.06
C MSE B 245 6.25 -5.69 32.98
O MSE B 245 6.43 -4.59 32.49
CB MSE B 245 3.85 -5.52 33.49
CG MSE B 245 2.72 -5.77 34.42
SE MSE B 245 1.04 -5.19 33.71
CE MSE B 245 1.20 -5.68 31.85
N ASP B 246 6.96 -6.76 32.67
CA ASP B 246 8.13 -6.69 31.81
C ASP B 246 8.24 -7.94 30.95
N ASP B 247 8.06 -7.80 29.62
CA ASP B 247 8.12 -8.96 28.68
C ASP B 247 9.34 -9.87 28.79
N ARG B 248 10.48 -9.33 29.19
CA ARG B 248 11.72 -10.11 29.32
C ARG B 248 11.73 -11.01 30.58
N ALA B 249 10.87 -10.73 31.57
CA ALA B 249 10.81 -11.56 32.78
C ALA B 249 10.05 -12.87 32.55
N THR B 250 10.32 -13.87 33.40
CA THR B 250 9.61 -15.16 33.35
C THR B 250 8.15 -14.93 33.70
N ASP B 251 7.96 -14.09 34.71
CA ASP B 251 6.66 -13.80 35.28
C ASP B 251 6.21 -12.43 34.74
N LYS B 252 4.92 -12.35 34.45
CA LYS B 252 4.33 -11.21 33.76
C LYS B 252 4.13 -10.03 34.70
N LEU B 253 4.04 -10.31 36.01
CA LEU B 253 3.76 -9.26 37.00
C LEU B 253 4.56 -9.56 38.27
N THR B 254 5.39 -8.61 38.68
CA THR B 254 6.23 -8.80 39.85
C THR B 254 6.14 -7.60 40.79
N LEU B 255 6.16 -7.90 42.08
CA LEU B 255 6.18 -6.91 43.16
C LEU B 255 7.61 -6.76 43.70
N HIS B 256 8.07 -5.51 43.76
CA HIS B 256 9.43 -5.20 44.17
C HIS B 256 9.37 -4.25 45.34
N PRO B 257 10.50 -4.09 46.06
CA PRO B 257 10.58 -3.10 47.15
C PRO B 257 10.29 -1.68 46.69
N PRO B 258 9.89 -0.81 47.62
CA PRO B 258 9.68 0.56 47.22
C PRO B 258 10.98 1.25 46.79
N GLN B 259 10.83 2.27 45.98
CA GLN B 259 11.94 3.09 45.59
C GLN B 259 11.64 4.53 45.85
N PRO B 260 12.71 5.32 45.96
CA PRO B 260 12.59 6.76 45.75
C PRO B 260 12.93 7.24 44.30
N ASP B 261 13.86 6.61 43.60
CA ASP B 261 14.43 7.19 42.35
C ASP B 261 13.75 6.84 41.01
N GLY B 262 12.70 6.02 40.99
CA GLY B 262 11.98 5.77 39.73
C GLY B 262 12.79 5.10 38.64
N ASN B 263 13.94 4.53 39.01
CA ASN B 263 14.73 3.73 38.11
C ASN B 263 14.02 2.38 38.02
N TRP B 264 14.19 1.68 36.90
CA TRP B 264 13.73 0.29 36.82
C TRP B 264 14.29 -0.52 37.98
N PRO B 265 13.44 -1.26 38.72
CA PRO B 265 13.97 -2.22 39.69
C PRO B 265 14.93 -3.25 39.11
N VAL B 266 15.96 -3.57 39.88
CA VAL B 266 17.04 -4.47 39.46
C VAL B 266 16.86 -5.90 40.01
N GLY B 267 16.20 -6.06 41.15
CA GLY B 267 15.93 -7.43 41.64
C GLY B 267 15.02 -8.27 40.74
N GLN B 268 14.76 -9.50 41.14
CA GLN B 268 13.82 -10.36 40.41
C GLN B 268 12.38 -10.12 40.90
N GLY B 269 12.23 -9.76 42.17
CA GLY B 269 10.90 -9.43 42.72
C GLY B 269 10.08 -10.67 43.01
N HIS B 270 8.89 -10.45 43.55
CA HIS B 270 7.98 -11.53 43.89
C HIS B 270 6.92 -11.66 42.80
N ALA B 271 6.87 -12.82 42.16
CA ALA B 271 5.89 -13.06 41.10
C ALA B 271 4.48 -13.07 41.65
N LEU B 272 3.55 -12.42 40.94
CA LEU B 272 2.14 -12.40 41.31
C LEU B 272 1.31 -13.21 40.30
N THR B 273 0.30 -13.91 40.80
CA THR B 273 -0.52 -14.79 39.96
C THR B 273 -1.28 -14.02 38.90
N VAL B 274 -1.14 -14.47 37.65
CA VAL B 274 -1.80 -13.86 36.49
C VAL B 274 -2.41 -14.95 35.60
N THR B 275 -3.70 -14.81 35.26
CA THR B 275 -4.42 -15.71 34.31
C THR B 275 -3.70 -15.76 32.96
N ASP B 276 -3.86 -16.88 32.24
N ASP B 276 -3.79 -16.91 32.31
CA ASP B 276 -3.10 -17.12 31.02
CA ASP B 276 -3.17 -17.11 31.01
C ASP B 276 -3.82 -16.80 29.69
C ASP B 276 -4.26 -17.13 29.94
N GLU B 277 -4.87 -15.96 29.72
CA GLU B 277 -5.60 -15.69 28.49
C GLU B 277 -4.84 -14.61 27.70
N MSE B 278 -4.72 -14.79 26.39
N MSE B 278 -4.72 -14.77 26.39
CA MSE B 278 -4.13 -13.77 25.52
CA MSE B 278 -4.09 -13.76 25.56
C MSE B 278 -4.99 -12.50 25.52
C MSE B 278 -4.97 -12.51 25.51
O MSE B 278 -6.21 -12.61 25.51
O MSE B 278 -6.18 -12.63 25.41
CB MSE B 278 -4.03 -14.30 24.09
CB MSE B 278 -3.87 -14.27 24.14
CG MSE B 278 -2.95 -15.33 23.88
CG MSE B 278 -2.93 -15.45 24.04
SE MSE B 278 -1.18 -14.56 23.70
SE MSE B 278 -2.65 -15.91 22.18
CE MSE B 278 -1.48 -13.40 22.18
CE MSE B 278 -1.12 -14.72 21.82
N PRO B 279 -4.36 -11.31 25.58
CA PRO B 279 -5.17 -10.08 25.58
C PRO B 279 -6.11 -9.86 24.38
N LEU B 280 -5.71 -10.19 23.16
CA LEU B 280 -6.61 -10.06 22.02
C LEU B 280 -7.78 -11.02 22.12
N THR B 281 -7.53 -12.25 22.56
CA THR B 281 -8.62 -13.18 22.79
C THR B 281 -9.59 -12.62 23.80
N ARG B 282 -9.05 -12.17 24.93
CA ARG B 282 -9.89 -11.62 25.98
C ARG B 282 -10.70 -10.44 25.45
N ALA B 283 -10.07 -9.56 24.66
CA ALA B 283 -10.77 -8.41 24.06
C ALA B 283 -11.94 -8.83 23.17
N VAL B 284 -11.67 -9.76 22.27
CA VAL B 284 -12.71 -10.27 21.37
C VAL B 284 -13.82 -10.99 22.15
N ARG B 285 -13.42 -11.87 23.07
CA ARG B 285 -14.38 -12.64 23.85
C ARG B 285 -15.34 -11.79 24.67
N LEU B 286 -14.83 -10.73 25.30
CA LEU B 286 -15.63 -9.90 26.15
C LEU B 286 -16.50 -8.96 25.32
N PHE B 287 -15.90 -8.44 24.25
CA PHE B 287 -16.64 -7.63 23.29
C PHE B 287 -17.86 -8.37 22.75
N ALA B 288 -17.64 -9.56 22.21
CA ALA B 288 -18.73 -10.38 21.65
C ALA B 288 -19.75 -10.77 22.71
N GLY B 289 -19.26 -11.05 23.92
CA GLY B 289 -20.12 -11.27 25.07
C GLY B 289 -20.99 -10.10 25.51
N ALA B 290 -20.58 -8.88 25.17
CA ALA B 290 -21.28 -7.67 25.59
C ALA B 290 -22.22 -7.13 24.54
N VAL B 291 -22.13 -7.61 23.31
CA VAL B 291 -22.92 -7.06 22.21
C VAL B 291 -24.43 -7.12 22.48
N ARG B 292 -24.93 -8.27 22.96
CA ARG B 292 -26.39 -8.39 23.15
C ARG B 292 -26.88 -7.83 24.48
N GLN B 293 -25.95 -7.63 25.40
CA GLN B 293 -26.25 -7.05 26.70
C GLN B 293 -25.14 -6.04 26.97
N PRO B 294 -25.25 -4.86 26.34
CA PRO B 294 -24.20 -3.84 26.27
C PRO B 294 -23.77 -3.16 27.57
N GLU B 295 -22.47 -2.93 27.69
CA GLU B 295 -21.85 -2.19 28.81
C GLU B 295 -20.66 -1.37 28.26
N PRO B 296 -20.22 -0.33 29.00
CA PRO B 296 -19.07 0.45 28.55
C PRO B 296 -17.82 -0.43 28.43
N GLY B 297 -17.62 -1.36 29.36
CA GLY B 297 -16.50 -2.29 29.31
C GLY B 297 -15.19 -1.61 29.72
N PRO B 298 -14.06 -2.37 29.71
CA PRO B 298 -12.76 -1.88 30.23
C PRO B 298 -12.02 -0.82 29.39
N SER B 299 -12.43 -0.65 28.13
CA SER B 299 -11.78 0.29 27.23
C SER B 299 -12.85 0.98 26.38
N PRO B 300 -13.68 1.82 27.01
CA PRO B 300 -14.80 2.43 26.33
C PRO B 300 -14.38 3.53 25.37
N LEU B 301 -15.30 3.90 24.50
CA LEU B 301 -15.10 4.99 23.55
C LEU B 301 -14.56 6.24 24.25
N GLU B 302 -15.07 6.59 25.43
CA GLU B 302 -14.65 7.84 26.07
C GLU B 302 -13.16 7.81 26.39
N LEU B 303 -12.66 6.67 26.83
CA LEU B 303 -11.23 6.54 27.05
C LEU B 303 -10.49 6.76 25.74
N GLY B 304 -11.05 6.26 24.62
CA GLY B 304 -10.39 6.36 23.32
C GLY B 304 -10.20 7.80 22.89
N LEU B 305 -11.24 8.62 23.09
CA LEU B 305 -11.24 10.07 22.84
C LEU B 305 -10.25 10.81 23.73
N ARG B 306 -10.16 10.37 24.98
CA ARG B 306 -9.23 11.03 25.90
C ARG B 306 -7.79 10.71 25.53
N VAL B 307 -7.54 9.47 25.08
CA VAL B 307 -6.21 9.14 24.52
C VAL B 307 -5.83 10.06 23.33
N VAL B 308 -6.80 10.28 22.43
CA VAL B 308 -6.57 11.14 21.22
C VAL B 308 -6.23 12.56 21.62
N ARG B 309 -6.88 13.09 22.65
CA ARG B 309 -6.64 14.48 23.07
C ARG B 309 -5.22 14.61 23.61
N VAL B 310 -4.78 13.59 24.35
CA VAL B 310 -3.44 13.59 24.91
C VAL B 310 -2.38 13.48 23.79
N LEU B 311 -2.59 12.55 22.87
CA LEU B 311 -1.63 12.33 21.80
C LEU B 311 -1.50 13.58 20.92
N GLY B 312 -2.63 14.25 20.66
CA GLY B 312 -2.61 15.53 19.95
C GLY B 312 -1.86 16.62 20.72
N ALA B 313 -1.95 16.57 22.05
CA ALA B 313 -1.18 17.47 22.94
C ALA B 313 0.34 17.24 22.87
N CYS B 314 0.74 16.02 22.52
CA CYS B 314 2.16 15.62 22.44
C CYS B 314 2.75 15.78 21.06
N SER B 315 1.93 16.29 20.14
CA SER B 315 2.30 16.40 18.73
C SER B 315 2.65 17.85 18.40
O1 PG4 C . -3.68 2.38 -18.74
C1 PG4 C . -4.53 2.50 -17.58
C2 PG4 C . -3.90 3.46 -16.59
O2 PG4 C . -4.07 4.82 -17.03
C3 PG4 C . -3.61 5.79 -16.10
C4 PG4 C . -3.75 7.17 -16.73
O3 PG4 C . -2.75 7.35 -17.74
C5 PG4 C . -3.08 8.44 -18.62
C6 PG4 C . -1.85 8.96 -19.32
O4 PG4 C . -1.41 8.02 -20.32
C7 PG4 C . -0.23 8.46 -21.02
C8 PG4 C . 0.68 7.28 -21.34
O5 PG4 C . 0.91 6.50 -20.16
C1 PEG D . -5.78 1.41 -25.84
O1 PEG D . -6.69 1.97 -26.83
C2 PEG D . -6.22 1.71 -24.41
O2 PEG D . -7.49 2.35 -24.39
C3 PEG D . -7.53 3.66 -23.78
C4 PEG D . -6.74 4.68 -24.59
O4 PEG D . -7.55 5.79 -24.99
C1 PGE E . 1.97 -6.80 26.66
O1 PGE E . 0.63 -6.31 26.43
C2 PGE E . 2.40 -6.71 28.13
O2 PGE E . 3.50 -5.80 28.28
C3 PGE E . 3.41 -4.87 29.36
C4 PGE E . 4.49 -3.79 29.26
O4 PGE E . 4.11 -0.77 26.02
C6 PGE E . 4.73 -0.54 27.30
C5 PGE E . 5.07 -1.89 27.91
O3 PGE E . 4.04 -2.59 28.61
#